data_5HC1
#
_entry.id   5HC1
#
_cell.length_a   129.136
_cell.length_b   133.742
_cell.length_c   145.268
_cell.angle_alpha   90.00
_cell.angle_beta   90.00
_cell.angle_gamma   90.00
#
_symmetry.space_group_name_H-M   'I 2 2 2'
#
loop_
_entity.id
_entity.type
_entity.pdbx_description
1 polymer 'Non-structural protein 11'
2 water water
#
_entity_poly.entity_id   1
_entity_poly.type   'polypeptide(L)'
_entity_poly.pdbx_seq_one_letter_code
;AGSNKISCLPRVAQNLGYHYSPDLPGFCPIPKELAEHWPVVSNDRYPNCLQITLQQVCELSKPCSAGYMVGQSVFVQTPG
VTSYWLTEWVDGKARALPDSLFSSGRFETNSRAFLDEAEEKFAAAHPHACLGEINKSTVGGSAFIFSQYLPPLLPADAVA
LVGASLAGKAAKAACSVVDVYAPSFEPYLHPETLSRVYKIMIDFKPCRLMVWRNATFYVQE
;
_entity_poly.pdbx_strand_id   A,B,C,D
#
# COMPACT_ATOMS: atom_id res chain seq x y z
N GLY A 2 21.34 19.90 8.95
CA GLY A 2 21.90 18.97 9.99
C GLY A 2 22.43 17.67 9.41
N SER A 3 21.61 17.04 8.55
CA SER A 3 21.97 15.75 7.93
C SER A 3 21.15 15.45 6.67
N ASN A 4 21.86 15.05 5.61
CA ASN A 4 21.23 14.45 4.42
C ASN A 4 20.86 13.01 4.71
N LYS A 5 19.94 12.44 3.94
CA LYS A 5 19.39 11.11 4.21
C LYS A 5 19.81 10.11 3.13
N ILE A 6 21.12 10.01 2.88
CA ILE A 6 21.67 9.05 1.89
C ILE A 6 21.48 7.59 2.34
N SER A 7 21.12 6.73 1.39
CA SER A 7 20.74 5.34 1.68
C SER A 7 20.91 4.38 0.52
N CYS A 8 21.12 3.11 0.88
CA CYS A 8 21.12 2.01 -0.07
C CYS A 8 19.68 1.60 -0.36
N LEU A 9 19.47 0.82 -1.41
CA LEU A 9 18.17 0.19 -1.62
C LEU A 9 18.02 -0.77 -0.43
N PRO A 10 16.92 -0.65 0.34
CA PRO A 10 16.84 -1.30 1.67
C PRO A 10 17.22 -2.79 1.73
N ARG A 11 16.93 -3.53 0.66
CA ARG A 11 17.37 -4.92 0.54
C ARG A 11 18.87 -5.11 0.73
N VAL A 12 19.68 -4.13 0.31
CA VAL A 12 21.14 -4.17 0.54
C VAL A 12 21.43 -4.34 2.04
N ALA A 13 20.82 -3.50 2.87
CA ALA A 13 20.99 -3.58 4.32
C ALA A 13 20.22 -4.74 4.92
N GLN A 14 19.01 -4.99 4.41
CA GLN A 14 18.16 -6.07 4.89
C GLN A 14 18.77 -7.46 4.65
N ASN A 15 19.39 -7.66 3.49
CA ASN A 15 20.18 -8.87 3.23
C ASN A 15 21.35 -9.03 4.22
N LEU A 16 21.93 -7.89 4.61
CA LEU A 16 22.96 -7.83 5.66
C LEU A 16 22.41 -8.01 7.08
N GLY A 17 21.09 -8.06 7.22
CA GLY A 17 20.44 -8.36 8.49
C GLY A 17 20.22 -7.13 9.34
N TYR A 18 19.96 -5.99 8.68
CA TYR A 18 19.67 -4.72 9.33
C TYR A 18 18.28 -4.29 8.88
N HIS A 19 17.39 -4.09 9.84
CA HIS A 19 15.98 -3.76 9.56
C HIS A 19 15.51 -2.39 10.07
N TYR A 20 16.11 -1.88 11.16
CA TYR A 20 15.68 -0.60 11.76
C TYR A 20 16.63 0.55 11.45
N SER A 21 16.11 1.78 11.55
CA SER A 21 16.86 3.02 11.31
C SER A 21 16.25 4.20 12.10
N PRO A 22 17.06 4.94 12.88
CA PRO A 22 16.53 6.16 13.52
C PRO A 22 16.29 7.35 12.59
N ASP A 23 16.89 7.30 11.40
CA ASP A 23 16.95 8.45 10.48
C ASP A 23 16.46 8.13 9.06
N LEU A 24 16.99 7.08 8.44
CA LEU A 24 16.75 6.77 7.03
C LEU A 24 15.35 6.19 6.83
N PRO A 25 14.53 6.80 5.95
CA PRO A 25 13.09 6.52 5.89
C PRO A 25 12.70 5.18 5.26
N GLY A 26 13.62 4.54 4.51
CA GLY A 26 13.33 3.27 3.86
C GLY A 26 13.34 2.03 4.74
N PHE A 27 13.50 2.21 6.06
CA PHE A 27 13.61 1.11 7.02
C PHE A 27 12.54 1.23 8.08
N CYS A 28 12.50 0.27 9.01
CA CYS A 28 11.62 0.34 10.17
C CYS A 28 12.15 1.43 11.09
N PRO A 29 11.28 2.34 11.54
CA PRO A 29 11.78 3.40 12.41
C PRO A 29 12.18 2.87 13.79
N ILE A 30 13.04 3.63 14.47
CA ILE A 30 13.43 3.33 15.85
C ILE A 30 13.86 4.62 16.56
N PRO A 31 13.56 4.78 17.87
CA PRO A 31 13.96 6.04 18.54
C PRO A 31 15.47 6.22 18.62
N LYS A 32 15.95 7.42 18.32
CA LYS A 32 17.38 7.76 18.44
C LYS A 32 17.98 7.40 19.80
N GLU A 33 17.16 7.47 20.84
CA GLU A 33 17.55 7.05 22.19
C GLU A 33 18.00 5.58 22.22
N LEU A 34 17.25 4.72 21.54
CA LEU A 34 17.55 3.27 21.51
C LEU A 34 18.56 2.82 20.44
N ALA A 35 18.98 3.72 19.56
CA ALA A 35 19.92 3.41 18.47
C ALA A 35 21.27 2.84 18.95
N GLU A 36 21.66 3.18 20.18
CA GLU A 36 22.86 2.62 20.80
C GLU A 36 22.74 1.13 21.07
N HIS A 37 21.56 0.74 21.57
CA HIS A 37 21.36 -0.60 22.15
C HIS A 37 20.81 -1.66 21.19
N TRP A 38 20.79 -1.36 19.89
CA TRP A 38 20.39 -2.33 18.87
C TRP A 38 21.15 -2.09 17.55
N PRO A 39 21.35 -3.16 16.75
CA PRO A 39 21.83 -3.00 15.38
C PRO A 39 20.91 -2.17 14.47
N VAL A 40 21.45 -1.08 13.92
CA VAL A 40 20.69 -0.20 13.02
C VAL A 40 21.44 0.10 11.72
N VAL A 41 20.71 0.70 10.78
CA VAL A 41 21.29 1.24 9.55
C VAL A 41 21.05 2.75 9.56
N SER A 42 22.11 3.53 9.36
CA SER A 42 22.09 4.97 9.61
C SER A 42 23.26 5.72 8.95
N ASN A 43 23.12 7.04 8.84
CA ASN A 43 24.21 7.90 8.43
C ASN A 43 25.16 8.27 9.55
N ASP A 44 24.80 7.92 10.78
CA ASP A 44 25.63 8.18 11.95
C ASP A 44 26.29 6.88 12.41
N ARG A 45 27.27 7.00 13.31
CA ARG A 45 27.93 5.84 13.92
C ARG A 45 27.25 5.47 15.23
N TYR A 46 27.00 4.18 15.44
CA TYR A 46 26.55 3.66 16.72
C TYR A 46 27.46 2.48 17.08
N PRO A 47 27.36 1.96 18.32
CA PRO A 47 28.19 0.82 18.69
C PRO A 47 28.01 -0.41 17.79
N ASN A 48 26.75 -0.67 17.40
CA ASN A 48 26.43 -1.71 16.43
C ASN A 48 25.54 -1.12 15.36
N CYS A 49 26.02 -1.18 14.12
CA CYS A 49 25.47 -0.36 13.05
C CYS A 49 26.06 -0.67 11.67
N LEU A 50 25.25 -0.47 10.64
CA LEU A 50 25.73 -0.42 9.27
C LEU A 50 25.64 1.03 8.82
N GLN A 51 26.76 1.72 8.83
CA GLN A 51 26.78 3.14 8.50
C GLN A 51 26.81 3.36 7.00
N ILE A 52 26.01 4.31 6.52
CA ILE A 52 25.95 4.68 5.10
C ILE A 52 26.34 6.13 4.99
N THR A 53 27.08 6.47 3.94
CA THR A 53 27.66 7.81 3.84
C THR A 53 28.11 8.11 2.44
N LEU A 54 28.22 9.40 2.11
CA LEU A 54 28.62 9.84 0.77
C LEU A 54 30.11 9.63 0.46
N GLN A 55 30.96 9.58 1.49
CA GLN A 55 32.39 9.35 1.31
C GLN A 55 32.95 8.39 2.37
N GLN A 56 34.14 7.86 2.10
CA GLN A 56 34.78 6.87 2.96
C GLN A 56 34.95 7.36 4.38
N VAL A 57 34.72 6.47 5.34
CA VAL A 57 34.98 6.73 6.78
C VAL A 57 36.37 6.20 7.18
N CYS A 58 36.63 4.93 6.87
CA CYS A 58 37.92 4.28 7.16
C CYS A 58 38.30 3.28 6.08
N GLU A 59 39.48 2.68 6.22
CA GLU A 59 39.95 1.62 5.28
C GLU A 59 38.96 0.48 5.05
N LEU A 60 38.24 0.08 6.09
CA LEU A 60 37.26 -1.00 6.01
C LEU A 60 35.93 -0.61 5.33
N SER A 61 35.74 0.67 5.02
CA SER A 61 34.50 1.13 4.38
C SER A 61 34.41 0.64 2.93
N LYS A 62 33.23 0.17 2.54
CA LYS A 62 33.00 -0.50 1.27
C LYS A 62 32.39 0.46 0.25
N PRO A 63 33.14 0.88 -0.79
CA PRO A 63 32.52 1.70 -1.84
C PRO A 63 31.57 0.89 -2.72
N CYS A 64 30.39 1.45 -3.03
CA CYS A 64 29.37 0.77 -3.82
C CYS A 64 28.87 1.66 -4.95
N SER A 65 29.08 1.24 -6.20
CA SER A 65 28.47 1.89 -7.36
C SER A 65 27.18 1.12 -7.64
N ALA A 66 26.05 1.76 -7.33
CA ALA A 66 24.75 1.10 -7.34
C ALA A 66 23.60 2.09 -7.21
N GLY A 67 22.38 1.57 -7.38
CA GLY A 67 21.17 2.34 -7.14
C GLY A 67 21.09 2.72 -5.68
N TYR A 68 20.61 3.93 -5.43
CA TYR A 68 20.56 4.50 -4.08
C TYR A 68 19.29 5.32 -3.90
N MET A 69 19.12 5.89 -2.72
CA MET A 69 18.06 6.85 -2.49
C MET A 69 18.46 7.89 -1.45
N VAL A 70 18.28 9.17 -1.81
CA VAL A 70 18.37 10.27 -0.85
C VAL A 70 16.96 10.44 -0.31
N GLY A 71 16.76 10.14 0.98
CA GLY A 71 15.44 10.21 1.59
C GLY A 71 14.49 9.17 1.02
N GLN A 72 13.23 9.57 0.86
CA GLN A 72 12.17 8.69 0.34
C GLN A 72 12.31 8.33 -1.15
N SER A 73 12.99 9.18 -1.93
CA SER A 73 13.01 9.05 -3.40
C SER A 73 14.27 8.37 -3.93
N VAL A 74 14.07 7.42 -4.85
CA VAL A 74 15.15 6.56 -5.39
C VAL A 74 15.83 7.12 -6.64
N PHE A 75 17.14 6.87 -6.75
CA PHE A 75 17.97 7.29 -7.89
C PHE A 75 18.63 6.08 -8.57
N VAL A 76 18.75 6.15 -9.90
CA VAL A 76 19.42 5.11 -10.68
C VAL A 76 20.93 5.29 -10.50
N GLN A 77 21.70 4.21 -10.57
CA GLN A 77 23.15 4.33 -10.43
C GLN A 77 23.72 5.12 -11.61
N THR A 78 24.52 6.14 -11.31
CA THR A 78 25.35 6.77 -12.33
C THR A 78 26.57 5.85 -12.42
N PRO A 79 26.68 5.11 -13.53
CA PRO A 79 27.73 4.11 -13.63
C PRO A 79 29.08 4.78 -13.74
N GLY A 80 30.09 4.12 -13.21
CA GLY A 80 31.43 4.69 -13.09
C GLY A 80 31.68 5.25 -11.71
N VAL A 81 30.72 6.01 -11.17
CA VAL A 81 30.88 6.70 -9.88
C VAL A 81 30.28 5.93 -8.70
N THR A 82 30.91 6.08 -7.54
CA THR A 82 30.44 5.52 -6.28
C THR A 82 29.17 6.23 -5.85
N SER A 83 28.17 5.43 -5.43
CA SER A 83 26.89 5.94 -4.94
C SER A 83 26.94 6.25 -3.45
N TYR A 84 27.48 5.29 -2.70
CA TYR A 84 27.64 5.43 -1.26
C TYR A 84 28.76 4.51 -0.75
N TRP A 85 29.24 4.80 0.46
CA TRP A 85 30.17 3.95 1.18
C TRP A 85 29.40 3.28 2.32
N LEU A 86 29.80 2.05 2.66
CA LEU A 86 29.17 1.25 3.70
C LEU A 86 30.22 0.85 4.72
N THR A 87 29.92 1.04 6.02
CA THR A 87 30.90 0.83 7.09
C THR A 87 30.24 0.08 8.26
N GLU A 88 30.49 -1.23 8.34
CA GLU A 88 29.88 -2.07 9.37
C GLU A 88 30.60 -1.90 10.70
N TRP A 89 29.90 -1.41 11.72
CA TRP A 89 30.42 -1.29 13.08
C TRP A 89 29.89 -2.41 13.96
N VAL A 90 30.79 -3.06 14.70
CA VAL A 90 30.44 -4.16 15.61
C VAL A 90 31.15 -3.93 16.93
N ASP A 91 30.37 -3.75 18.00
CA ASP A 91 30.90 -3.42 19.32
C ASP A 91 31.94 -2.28 19.27
N GLY A 92 31.61 -1.24 18.51
CA GLY A 92 32.47 -0.06 18.37
C GLY A 92 33.49 -0.12 17.24
N LYS A 93 33.93 -1.32 16.88
CA LYS A 93 35.01 -1.52 15.92
C LYS A 93 34.42 -1.85 14.55
N ALA A 94 35.03 -1.33 13.49
CA ALA A 94 34.58 -1.61 12.12
C ALA A 94 35.03 -3.00 11.63
N ARG A 95 34.21 -3.60 10.77
CA ARG A 95 34.42 -4.95 10.24
C ARG A 95 34.35 -4.92 8.72
N ALA A 96 35.23 -5.67 8.07
CA ALA A 96 35.26 -5.77 6.62
C ALA A 96 33.99 -6.45 6.15
N LEU A 97 33.31 -5.82 5.20
CA LEU A 97 32.08 -6.36 4.61
C LEU A 97 32.42 -7.32 3.48
N PRO A 98 31.52 -8.30 3.21
CA PRO A 98 31.74 -9.20 2.08
C PRO A 98 31.66 -8.43 0.76
N ASP A 99 32.26 -8.95 -0.29
CA ASP A 99 32.17 -8.31 -1.61
C ASP A 99 30.83 -8.67 -2.24
N SER A 100 30.36 -7.81 -3.14
CA SER A 100 29.05 -7.99 -3.76
C SER A 100 28.89 -7.18 -5.04
N LEU A 101 28.08 -7.71 -5.97
CA LEU A 101 27.46 -6.90 -7.02
C LEU A 101 26.22 -6.20 -6.44
N PHE A 102 25.70 -5.23 -7.17
CA PHE A 102 24.57 -4.44 -6.68
C PHE A 102 23.58 -4.11 -7.78
N SER A 103 22.34 -3.91 -7.37
CA SER A 103 21.29 -3.55 -8.30
C SER A 103 21.32 -2.06 -8.59
N SER A 104 21.04 -1.72 -9.84
CA SER A 104 21.20 -0.36 -10.36
C SER A 104 20.05 0.60 -9.98
N GLY A 105 18.90 0.06 -9.60
CA GLY A 105 17.72 0.87 -9.24
C GLY A 105 16.70 1.12 -10.35
N ARG A 106 16.90 0.53 -11.53
CA ARG A 106 15.98 0.68 -12.66
C ARG A 106 14.59 0.11 -12.34
N PHE A 107 14.55 -1.00 -11.61
CA PHE A 107 13.29 -1.70 -11.27
C PHE A 107 12.30 -0.81 -10.55
N GLU A 108 12.77 -0.09 -9.54
CA GLU A 108 11.90 0.74 -8.70
C GLU A 108 11.79 2.20 -9.20
N THR A 109 12.21 2.44 -10.44
CA THR A 109 11.90 3.69 -11.15
C THR A 109 11.29 3.41 -12.53
N ASN A 110 10.71 2.22 -12.72
CA ASN A 110 10.04 1.84 -13.97
C ASN A 110 10.90 2.03 -15.23
N SER A 111 12.18 1.66 -15.13
CA SER A 111 13.13 1.86 -16.23
C SER A 111 13.54 0.53 -16.87
N ARG A 112 13.79 0.59 -18.17
CA ARG A 112 14.25 -0.58 -18.95
C ARG A 112 15.46 -0.21 -19.83
N ALA A 113 16.23 0.78 -19.39
CA ALA A 113 17.22 1.44 -20.23
C ALA A 113 18.64 1.01 -19.91
N PHE A 114 19.50 1.05 -20.92
CA PHE A 114 20.93 0.87 -20.73
C PHE A 114 21.48 2.13 -20.04
N LEU A 115 22.25 1.95 -18.97
CA LEU A 115 22.78 3.09 -18.20
C LEU A 115 23.89 3.82 -18.96
N ASP A 116 24.68 3.04 -19.69
CA ASP A 116 25.81 3.52 -20.48
C ASP A 116 25.54 3.25 -21.94
N GLU A 117 26.47 3.71 -22.77
CA GLU A 117 26.61 3.22 -24.14
C GLU A 117 27.35 1.88 -24.07
N ALA A 118 28.36 1.81 -23.21
CA ALA A 118 29.11 0.59 -22.87
C ALA A 118 28.26 -0.63 -22.50
N GLU A 119 27.14 -0.41 -21.80
CA GLU A 119 26.28 -1.52 -21.40
C GLU A 119 25.57 -2.07 -22.61
N GLU A 120 25.05 -1.18 -23.45
CA GLU A 120 24.47 -1.55 -24.75
C GLU A 120 25.47 -2.33 -25.59
N LYS A 121 26.72 -1.89 -25.56
CA LYS A 121 27.81 -2.62 -26.21
C LYS A 121 28.06 -3.99 -25.58
N PHE A 122 28.08 -4.02 -24.24
CA PHE A 122 28.33 -5.26 -23.51
C PHE A 122 27.28 -6.34 -23.78
N ALA A 123 26.02 -5.94 -23.89
CA ALA A 123 24.95 -6.85 -24.26
C ALA A 123 25.14 -7.36 -25.69
N ALA A 124 25.57 -6.47 -26.59
CA ALA A 124 25.94 -6.87 -27.95
C ALA A 124 27.14 -7.84 -27.97
N ALA A 125 28.12 -7.56 -27.13
CA ALA A 125 29.32 -8.41 -26.97
C ALA A 125 29.02 -9.78 -26.32
N HIS A 126 27.94 -9.86 -25.54
CA HIS A 126 27.56 -11.08 -24.85
C HIS A 126 26.08 -11.42 -25.13
N PRO A 127 25.75 -11.73 -26.41
CA PRO A 127 24.35 -11.92 -26.82
C PRO A 127 23.57 -13.00 -26.08
N HIS A 128 24.26 -13.99 -25.51
CA HIS A 128 23.60 -15.07 -24.78
C HIS A 128 23.24 -14.72 -23.31
N ALA A 129 23.56 -13.50 -22.88
CA ALA A 129 22.94 -12.88 -21.71
C ALA A 129 22.37 -11.50 -22.13
N CYS A 130 21.33 -11.55 -22.95
CA CYS A 130 20.74 -10.38 -23.61
C CYS A 130 19.38 -10.70 -24.26
N LEU A 131 19.34 -11.68 -25.18
CA LEU A 131 18.08 -12.15 -25.76
C LEU A 131 17.70 -13.55 -25.26
N GLY A 132 16.43 -13.90 -25.44
CA GLY A 132 15.88 -15.21 -25.07
C GLY A 132 15.43 -15.31 -23.62
N GLU A 133 14.65 -16.36 -23.32
CA GLU A 133 14.30 -16.71 -21.95
C GLU A 133 14.36 -18.24 -21.89
N ILE A 134 15.46 -18.75 -21.35
CA ILE A 134 15.73 -20.20 -21.28
C ILE A 134 16.41 -20.79 -22.53
N ASN A 135 16.49 -20.02 -23.63
CA ASN A 135 17.09 -20.48 -24.88
C ASN A 135 18.63 -20.34 -24.90
N LYS A 136 19.15 -19.22 -24.40
CA LYS A 136 20.60 -18.93 -24.38
C LYS A 136 21.27 -19.07 -22.99
N SER A 137 20.51 -18.85 -21.93
CA SER A 137 20.90 -19.18 -20.55
C SER A 137 19.84 -20.12 -19.99
N THR A 138 20.05 -20.69 -18.81
CA THR A 138 19.12 -21.71 -18.28
C THR A 138 18.73 -21.60 -16.80
N VAL A 139 18.83 -20.42 -16.22
CA VAL A 139 18.07 -20.11 -15.00
C VAL A 139 16.61 -19.88 -15.41
N GLY A 140 15.67 -20.09 -14.48
CA GLY A 140 14.26 -19.76 -14.72
C GLY A 140 14.10 -18.32 -15.16
N GLY A 141 14.73 -17.42 -14.43
CA GLY A 141 14.78 -16.01 -14.77
C GLY A 141 16.00 -15.59 -15.56
N SER A 142 16.03 -16.01 -16.82
CA SER A 142 17.06 -15.63 -17.75
C SER A 142 16.66 -14.30 -18.38
N ALA A 143 16.79 -13.21 -17.61
CA ALA A 143 16.38 -11.89 -18.09
C ALA A 143 17.05 -10.73 -17.38
N PHE A 144 17.89 -9.99 -18.12
CA PHE A 144 18.27 -8.64 -17.70
C PHE A 144 17.07 -7.73 -17.89
N ILE A 145 16.97 -6.70 -17.03
CA ILE A 145 15.83 -5.77 -17.06
C ILE A 145 15.68 -5.02 -18.40
N PHE A 146 16.79 -4.78 -19.10
CA PHE A 146 16.76 -4.08 -20.41
C PHE A 146 16.32 -4.94 -21.61
N SER A 147 15.97 -6.21 -21.39
CA SER A 147 15.72 -7.12 -22.51
C SER A 147 14.41 -6.82 -23.22
N GLN A 148 14.49 -6.82 -24.56
CA GLN A 148 13.34 -6.77 -25.46
C GLN A 148 12.33 -7.88 -25.13
N TYR A 149 12.83 -9.07 -24.81
CA TYR A 149 12.00 -10.26 -24.57
C TYR A 149 11.19 -10.27 -23.25
N LEU A 150 11.55 -9.40 -22.29
CA LEU A 150 10.74 -9.19 -21.08
C LEU A 150 9.43 -8.49 -21.44
N PRO A 151 8.39 -8.67 -20.61
CA PRO A 151 7.21 -7.83 -20.78
C PRO A 151 7.47 -6.37 -20.36
N PRO A 152 6.68 -5.41 -20.90
CA PRO A 152 6.75 -4.01 -20.45
C PRO A 152 6.52 -3.83 -18.96
N LEU A 153 5.64 -4.67 -18.39
CA LEU A 153 5.31 -4.64 -16.98
C LEU A 153 6.00 -5.79 -16.23
N LEU A 154 6.53 -5.47 -15.04
CA LEU A 154 7.29 -6.39 -14.21
C LEU A 154 6.95 -6.13 -12.75
N PRO A 155 5.75 -6.55 -12.33
CA PRO A 155 5.34 -6.31 -10.95
C PRO A 155 5.93 -7.36 -10.01
N ALA A 156 6.31 -6.92 -8.81
CA ALA A 156 7.08 -7.74 -7.87
C ALA A 156 6.38 -9.02 -7.36
N ASP A 157 5.04 -9.02 -7.43
CA ASP A 157 4.26 -10.20 -7.04
C ASP A 157 4.28 -11.32 -8.07
N ALA A 158 4.67 -11.00 -9.31
CA ALA A 158 4.79 -11.97 -10.41
C ALA A 158 6.24 -12.30 -10.85
N VAL A 159 7.19 -11.43 -10.51
CA VAL A 159 8.57 -11.54 -10.99
C VAL A 159 9.50 -11.49 -9.77
N ALA A 160 10.62 -12.21 -9.86
CA ALA A 160 11.57 -12.33 -8.75
C ALA A 160 12.83 -11.50 -9.00
N LEU A 161 12.81 -10.26 -8.54
CA LEU A 161 13.98 -9.39 -8.65
C LEU A 161 15.15 -10.03 -7.92
N VAL A 162 16.24 -10.32 -8.62
CA VAL A 162 17.42 -10.91 -7.97
C VAL A 162 18.06 -9.84 -7.06
N GLY A 163 18.43 -10.29 -5.86
CA GLY A 163 18.71 -9.40 -4.74
C GLY A 163 17.56 -9.40 -3.75
N ALA A 164 16.34 -9.53 -4.27
CA ALA A 164 15.14 -9.56 -3.45
C ALA A 164 14.45 -10.90 -3.61
N SER A 165 13.26 -11.00 -3.03
CA SER A 165 12.39 -12.18 -3.15
C SER A 165 11.15 -11.87 -4.02
N LEU A 166 10.47 -12.94 -4.40
CA LEU A 166 9.20 -12.87 -5.11
C LEU A 166 8.14 -12.45 -4.09
N ALA A 167 7.37 -11.41 -4.42
CA ALA A 167 6.38 -10.85 -3.49
C ALA A 167 5.04 -11.61 -3.52
N GLY A 168 4.36 -11.64 -2.38
CA GLY A 168 3.05 -12.28 -2.30
C GLY A 168 3.12 -13.79 -2.22
N LYS A 169 1.97 -14.42 -2.49
CA LYS A 169 1.76 -15.83 -2.17
C LYS A 169 2.00 -16.81 -3.33
N ALA A 170 2.33 -16.29 -4.51
CA ALA A 170 2.53 -17.12 -5.71
C ALA A 170 3.73 -18.08 -5.58
N ALA A 171 3.50 -19.33 -5.94
CA ALA A 171 4.45 -20.42 -5.71
C ALA A 171 5.62 -20.37 -6.69
N LYS A 172 5.30 -20.21 -7.96
CA LYS A 172 6.30 -20.11 -9.03
C LYS A 172 6.26 -18.71 -9.64
N ALA A 173 7.42 -18.06 -9.72
CA ALA A 173 7.56 -16.78 -10.39
C ALA A 173 7.51 -16.97 -11.91
N ALA A 174 7.02 -15.95 -12.60
CA ALA A 174 7.03 -15.91 -14.06
C ALA A 174 8.47 -15.92 -14.57
N CYS A 175 9.34 -15.14 -13.92
CA CYS A 175 10.76 -15.12 -14.24
C CYS A 175 11.54 -14.49 -13.07
N SER A 176 12.76 -14.01 -13.33
CA SER A 176 13.61 -13.35 -12.35
C SER A 176 14.39 -12.26 -13.07
N VAL A 177 14.17 -11.01 -12.68
CA VAL A 177 14.79 -9.88 -13.36
C VAL A 177 16.16 -9.56 -12.71
N VAL A 178 17.15 -9.41 -13.58
CA VAL A 178 18.51 -9.13 -13.20
C VAL A 178 18.70 -7.65 -13.49
N ASP A 179 18.45 -6.85 -12.46
CA ASP A 179 18.53 -5.40 -12.55
C ASP A 179 19.88 -4.98 -11.99
N VAL A 180 20.93 -5.18 -12.78
CA VAL A 180 22.31 -4.88 -12.36
C VAL A 180 23.17 -4.55 -13.59
N TYR A 181 23.99 -3.52 -13.44
CA TYR A 181 24.88 -3.04 -14.49
C TYR A 181 25.71 -4.20 -15.05
N ALA A 182 25.54 -4.48 -16.34
CA ALA A 182 26.00 -5.75 -16.95
C ALA A 182 27.51 -5.91 -17.09
N PRO A 183 28.25 -4.83 -17.42
CA PRO A 183 29.71 -4.95 -17.43
C PRO A 183 30.38 -5.19 -16.06
N SER A 184 29.63 -5.09 -14.96
CA SER A 184 30.16 -5.44 -13.63
C SER A 184 30.29 -6.96 -13.40
N PHE A 185 29.76 -7.77 -14.33
CA PHE A 185 30.00 -9.22 -14.32
C PHE A 185 31.37 -9.62 -14.89
N GLU A 186 32.03 -8.69 -15.60
CA GLU A 186 33.29 -8.96 -16.32
C GLU A 186 34.42 -9.65 -15.52
N PRO A 187 34.64 -9.26 -14.25
CA PRO A 187 35.61 -9.98 -13.40
C PRO A 187 35.40 -11.49 -13.29
N TYR A 188 34.18 -11.96 -13.48
CA TYR A 188 33.88 -13.39 -13.45
C TYR A 188 33.79 -14.05 -14.84
N LEU A 189 34.07 -13.30 -15.90
CA LEU A 189 33.83 -13.78 -17.26
C LEU A 189 35.04 -14.43 -17.93
N HIS A 190 36.16 -14.57 -17.21
CA HIS A 190 37.37 -15.17 -17.75
C HIS A 190 37.93 -16.24 -16.81
N PRO A 191 37.21 -17.38 -16.68
CA PRO A 191 37.75 -18.51 -15.93
C PRO A 191 38.85 -19.21 -16.72
N GLU A 192 39.67 -19.99 -16.04
CA GLU A 192 40.72 -20.75 -16.69
C GLU A 192 40.20 -22.11 -17.16
N THR A 193 39.09 -22.55 -16.59
CA THR A 193 38.39 -23.76 -17.03
C THR A 193 37.34 -23.40 -18.08
N LEU A 194 36.72 -24.43 -18.66
CA LEU A 194 35.60 -24.24 -19.60
C LEU A 194 34.40 -23.65 -18.85
N SER A 195 33.88 -24.40 -17.89
CA SER A 195 32.73 -23.96 -17.10
C SER A 195 33.22 -23.54 -15.72
N ARG A 196 32.49 -22.61 -15.12
CA ARG A 196 32.75 -22.17 -13.75
C ARG A 196 31.46 -21.68 -13.11
N VAL A 197 31.30 -22.02 -11.83
CA VAL A 197 30.18 -21.61 -11.02
C VAL A 197 30.74 -20.80 -9.87
N TYR A 198 30.71 -19.48 -10.01
CA TYR A 198 31.18 -18.58 -8.96
C TYR A 198 30.09 -18.38 -7.91
N LYS A 199 30.42 -18.67 -6.66
CA LYS A 199 29.60 -18.25 -5.51
C LYS A 199 29.80 -16.76 -5.29
N ILE A 200 28.74 -15.98 -5.52
CA ILE A 200 28.79 -14.51 -5.49
C ILE A 200 27.58 -13.92 -4.76
N MET A 201 27.55 -12.58 -4.66
CA MET A 201 26.46 -11.86 -4.01
C MET A 201 25.96 -10.70 -4.88
N ILE A 202 24.64 -10.56 -4.96
CA ILE A 202 24.00 -9.36 -5.51
C ILE A 202 23.24 -8.77 -4.33
N ASP A 203 23.53 -7.50 -4.03
CA ASP A 203 22.94 -6.79 -2.89
C ASP A 203 23.17 -7.56 -1.57
N PHE A 204 24.33 -8.18 -1.46
CA PHE A 204 24.68 -9.08 -0.35
C PHE A 204 23.74 -10.27 -0.13
N LYS A 205 23.07 -10.72 -1.20
CA LYS A 205 22.26 -11.94 -1.18
C LYS A 205 23.03 -12.96 -1.99
N PRO A 206 23.44 -14.08 -1.34
CA PRO A 206 24.25 -15.04 -2.08
C PRO A 206 23.51 -15.68 -3.24
N CYS A 207 24.28 -16.08 -4.25
CA CYS A 207 23.76 -16.76 -5.43
C CYS A 207 24.91 -17.36 -6.23
N ARG A 208 24.57 -18.25 -7.15
CA ARG A 208 25.53 -18.87 -8.06
C ARG A 208 25.49 -18.17 -9.41
N LEU A 209 26.66 -17.99 -10.01
CA LEU A 209 26.80 -17.45 -11.37
C LEU A 209 27.47 -18.49 -12.24
N MET A 210 26.70 -19.16 -13.09
CA MET A 210 27.27 -20.10 -14.06
C MET A 210 27.95 -19.29 -15.17
N VAL A 211 29.13 -19.74 -15.61
CA VAL A 211 29.88 -19.08 -16.68
C VAL A 211 30.49 -20.09 -17.67
N TRP A 212 29.83 -20.29 -18.81
CA TRP A 212 30.42 -20.99 -19.94
C TRP A 212 31.31 -19.99 -20.68
N ARG A 213 32.62 -20.24 -20.66
CA ARG A 213 33.63 -19.27 -21.16
C ARG A 213 33.45 -18.90 -22.63
N ASN A 214 33.43 -17.60 -22.90
CA ASN A 214 33.17 -17.05 -24.25
C ASN A 214 31.79 -17.40 -24.86
N ALA A 215 30.84 -17.82 -24.03
CA ALA A 215 29.52 -18.23 -24.48
C ALA A 215 28.42 -17.44 -23.76
N THR A 216 28.09 -17.83 -22.53
CA THR A 216 26.97 -17.24 -21.79
C THR A 216 27.27 -17.17 -20.29
N PHE A 217 26.40 -16.52 -19.53
CA PHE A 217 26.43 -16.55 -18.08
C PHE A 217 25.07 -16.17 -17.50
N TYR A 218 24.79 -16.62 -16.28
CA TYR A 218 23.51 -16.35 -15.63
C TYR A 218 23.53 -16.62 -14.13
N VAL A 219 22.89 -15.73 -13.38
CA VAL A 219 22.68 -15.91 -11.95
C VAL A 219 21.64 -17.01 -11.71
N GLN A 220 21.71 -17.69 -10.57
CA GLN A 220 20.76 -18.74 -10.20
C GLN A 220 20.24 -18.55 -8.77
N ALA B 1 -0.01 -20.87 19.30
CA ALA B 1 0.22 -21.72 20.52
C ALA B 1 0.81 -20.90 21.69
N GLY B 2 0.08 -19.86 22.10
CA GLY B 2 0.52 -18.98 23.18
C GLY B 2 -0.41 -17.79 23.37
N SER B 3 0.03 -16.62 22.91
CA SER B 3 -0.77 -15.38 23.01
C SER B 3 -1.72 -15.26 21.82
N ASN B 4 -2.65 -14.32 21.93
CA ASN B 4 -3.72 -14.14 20.94
C ASN B 4 -3.61 -12.87 20.07
N LYS B 5 -2.57 -12.06 20.31
CA LYS B 5 -2.35 -10.78 19.62
C LYS B 5 -3.62 -9.90 19.48
N ILE B 6 -4.43 -9.88 20.54
CA ILE B 6 -5.60 -8.99 20.61
C ILE B 6 -5.13 -7.55 20.71
N SER B 7 -5.89 -6.65 20.08
CA SER B 7 -5.54 -5.24 20.03
C SER B 7 -6.76 -4.36 19.88
N CYS B 8 -6.58 -3.11 20.26
CA CYS B 8 -7.51 -2.03 19.96
C CYS B 8 -7.25 -1.60 18.52
N LEU B 9 -8.15 -0.78 17.98
CA LEU B 9 -7.91 -0.18 16.69
C LEU B 9 -6.72 0.77 16.87
N PRO B 10 -5.69 0.66 15.99
CA PRO B 10 -4.41 1.31 16.25
C PRO B 10 -4.50 2.73 16.81
N ARG B 11 -5.33 3.56 16.18
CA ARG B 11 -5.52 4.96 16.63
C ARG B 11 -5.95 5.15 18.08
N VAL B 12 -6.60 4.16 18.68
CA VAL B 12 -6.93 4.21 20.12
C VAL B 12 -5.65 4.38 20.95
N ALA B 13 -4.64 3.56 20.65
CA ALA B 13 -3.34 3.61 21.33
C ALA B 13 -2.47 4.78 20.88
N GLN B 14 -2.52 5.08 19.57
CA GLN B 14 -1.74 6.19 19.02
C GLN B 14 -2.19 7.53 19.62
N ASN B 15 -3.49 7.73 19.73
CA ASN B 15 -4.04 8.92 20.37
C ASN B 15 -3.61 9.06 21.82
N LEU B 16 -3.42 7.94 22.49
CA LEU B 16 -2.96 7.94 23.88
C LEU B 16 -1.43 8.03 24.00
N GLY B 17 -0.75 8.19 22.86
CA GLY B 17 0.69 8.45 22.82
C GLY B 17 1.58 7.29 22.41
N TYR B 18 1.02 6.09 22.26
CA TYR B 18 1.81 4.88 22.02
C TYR B 18 1.86 4.53 20.54
N HIS B 19 3.08 4.39 20.00
CA HIS B 19 3.29 4.09 18.57
C HIS B 19 4.05 2.79 18.25
N TYR B 20 4.75 2.21 19.24
CA TYR B 20 5.56 0.99 19.04
C TYR B 20 4.96 -0.24 19.74
N SER B 21 5.26 -1.42 19.19
CA SER B 21 4.78 -2.68 19.75
C SER B 21 5.68 -3.86 19.36
N PRO B 22 6.21 -4.59 20.36
CA PRO B 22 7.02 -5.75 19.99
C PRO B 22 6.23 -6.89 19.34
N ASP B 23 4.94 -7.02 19.69
CA ASP B 23 4.13 -8.20 19.28
C ASP B 23 2.92 -7.90 18.38
N LEU B 24 2.24 -6.78 18.61
CA LEU B 24 1.03 -6.48 17.86
C LEU B 24 1.39 -5.92 16.47
N PRO B 25 0.74 -6.44 15.41
CA PRO B 25 1.04 -6.00 14.04
C PRO B 25 0.43 -4.66 13.63
N GLY B 26 -0.54 -4.13 14.39
CA GLY B 26 -1.18 -2.86 14.04
C GLY B 26 -0.33 -1.60 14.18
N PHE B 27 0.81 -1.73 14.87
CA PHE B 27 1.68 -0.62 15.23
C PHE B 27 3.07 -0.84 14.64
N CYS B 28 3.97 0.10 14.89
CA CYS B 28 5.36 -0.03 14.43
C CYS B 28 6.07 -1.10 15.25
N PRO B 29 6.85 -1.97 14.58
CA PRO B 29 7.55 -3.03 15.31
C PRO B 29 8.70 -2.49 16.14
N ILE B 30 9.14 -3.31 17.10
CA ILE B 30 10.26 -2.98 18.00
C ILE B 30 10.77 -4.29 18.62
N PRO B 31 12.11 -4.45 18.76
CA PRO B 31 12.56 -5.71 19.36
C PRO B 31 12.08 -5.89 20.81
N LYS B 32 11.67 -7.11 21.15
CA LYS B 32 11.23 -7.45 22.52
C LYS B 32 12.24 -6.96 23.56
N GLU B 33 13.53 -7.10 23.25
CA GLU B 33 14.63 -6.71 24.14
C GLU B 33 14.61 -5.21 24.53
N LEU B 34 14.13 -4.35 23.62
CA LEU B 34 14.02 -2.91 23.88
C LEU B 34 12.67 -2.46 24.44
N ALA B 35 11.71 -3.38 24.57
CA ALA B 35 10.35 -3.05 25.05
C ALA B 35 10.31 -2.75 26.54
N GLU B 36 11.29 -3.23 27.30
CA GLU B 36 11.50 -2.80 28.69
C GLU B 36 11.80 -1.30 28.80
N HIS B 37 12.51 -0.76 27.81
CA HIS B 37 13.05 0.60 27.88
C HIS B 37 12.42 1.57 26.87
N TRP B 38 11.11 1.45 26.64
CA TRP B 38 10.38 2.44 25.83
C TRP B 38 8.86 2.32 25.99
N PRO B 39 8.11 3.46 25.91
CA PRO B 39 6.65 3.38 25.87
C PRO B 39 6.15 2.62 24.64
N VAL B 40 5.36 1.57 24.86
CA VAL B 40 4.90 0.69 23.79
C VAL B 40 3.48 0.23 24.04
N VAL B 41 2.94 -0.54 23.09
CA VAL B 41 1.66 -1.22 23.26
C VAL B 41 1.90 -2.71 23.03
N SER B 42 1.29 -3.56 23.87
CA SER B 42 1.55 -4.99 23.86
C SER B 42 0.49 -5.77 24.62
N ASN B 43 0.54 -7.10 24.49
CA ASN B 43 -0.24 -8.00 25.35
C ASN B 43 0.48 -8.29 26.66
N ASP B 44 1.79 -8.09 26.70
CA ASP B 44 2.60 -8.37 27.87
C ASP B 44 2.77 -7.12 28.73
N ARG B 45 3.30 -7.33 29.93
CA ARG B 45 3.51 -6.27 30.92
C ARG B 45 4.91 -5.70 30.82
N TYR B 46 4.99 -4.37 30.69
CA TYR B 46 6.26 -3.64 30.69
C TYR B 46 6.13 -2.39 31.58
N PRO B 47 7.27 -1.87 32.10
CA PRO B 47 7.22 -0.70 33.01
C PRO B 47 6.52 0.53 32.43
N ASN B 48 6.65 0.74 31.13
CA ASN B 48 5.92 1.78 30.41
C ASN B 48 5.24 1.19 29.19
N CYS B 49 3.94 0.91 29.32
CA CYS B 49 3.15 0.46 28.18
C CYS B 49 1.65 0.57 28.37
N LEU B 50 0.94 0.33 27.27
CA LEU B 50 -0.50 0.14 27.25
C LEU B 50 -0.75 -1.36 27.05
N GLN B 51 -1.16 -2.04 28.11
CA GLN B 51 -1.37 -3.50 28.07
C GLN B 51 -2.80 -3.80 27.63
N ILE B 52 -2.93 -4.43 26.46
CA ILE B 52 -4.22 -4.80 25.89
C ILE B 52 -4.48 -6.30 26.13
N THR B 53 -5.72 -6.62 26.48
CA THR B 53 -6.04 -7.94 27.03
C THR B 53 -7.56 -8.17 27.05
N LEU B 54 -7.97 -9.41 26.85
CA LEU B 54 -9.39 -9.80 27.01
C LEU B 54 -9.84 -9.83 28.46
N GLN B 55 -8.88 -10.07 29.35
CA GLN B 55 -9.12 -10.32 30.76
C GLN B 55 -8.69 -9.08 31.55
N GLN B 56 -9.48 -8.69 32.54
CA GLN B 56 -9.10 -7.60 33.44
C GLN B 56 -7.82 -7.97 34.17
N VAL B 57 -6.81 -7.10 34.09
CA VAL B 57 -5.47 -7.39 34.64
C VAL B 57 -5.32 -6.85 36.05
N CYS B 58 -5.67 -5.58 36.24
CA CYS B 58 -5.66 -4.97 37.58
C CYS B 58 -6.88 -4.06 37.78
N GLU B 59 -7.02 -3.55 39.01
CA GLU B 59 -8.15 -2.68 39.41
C GLU B 59 -8.34 -1.42 38.55
N LEU B 60 -7.26 -0.92 37.92
CA LEU B 60 -7.32 0.25 37.03
C LEU B 60 -7.47 -0.09 35.53
N SER B 61 -7.57 -1.38 35.18
CA SER B 61 -7.74 -1.77 33.77
C SER B 61 -9.06 -1.23 33.23
N LYS B 62 -9.01 -0.49 32.11
CA LYS B 62 -10.19 0.16 31.50
C LYS B 62 -10.91 -0.79 30.52
N PRO B 63 -12.08 -1.29 30.88
CA PRO B 63 -12.82 -2.13 29.94
C PRO B 63 -13.40 -1.30 28.78
N CYS B 64 -13.15 -1.73 27.54
CA CYS B 64 -13.59 -0.99 26.36
C CYS B 64 -14.46 -1.83 25.41
N SER B 65 -15.74 -1.46 25.31
CA SER B 65 -16.68 -2.01 24.33
C SER B 65 -16.54 -1.20 23.04
N ALA B 66 -15.80 -1.78 22.09
CA ALA B 66 -15.41 -1.08 20.88
C ALA B 66 -14.99 -2.05 19.80
N GLY B 67 -14.69 -1.50 18.63
CA GLY B 67 -14.06 -2.25 17.55
C GLY B 67 -12.67 -2.65 17.99
N TYR B 68 -12.23 -3.81 17.54
CA TYR B 68 -10.97 -4.39 17.98
C TYR B 68 -10.30 -5.17 16.85
N MET B 69 -9.15 -5.77 17.14
CA MET B 69 -8.56 -6.72 16.20
C MET B 69 -7.77 -7.79 16.92
N VAL B 70 -7.72 -8.94 16.26
CA VAL B 70 -6.97 -10.11 16.72
C VAL B 70 -5.91 -10.29 15.66
N GLY B 71 -4.68 -9.89 15.98
CA GLY B 71 -3.60 -9.97 15.02
C GLY B 71 -3.87 -9.06 13.85
N GLN B 72 -4.09 -9.65 12.68
CA GLN B 72 -4.21 -8.89 11.45
C GLN B 72 -5.62 -8.41 11.22
N SER B 73 -6.58 -9.31 11.37
CA SER B 73 -7.93 -9.05 10.93
C SER B 73 -8.74 -8.26 11.95
N VAL B 74 -9.50 -7.28 11.44
CA VAL B 74 -10.29 -6.36 12.25
C VAL B 74 -11.68 -6.93 12.49
N PHE B 75 -12.15 -6.85 13.75
CA PHE B 75 -13.47 -7.32 14.16
C PHE B 75 -14.33 -6.15 14.63
N VAL B 76 -15.59 -6.14 14.22
CA VAL B 76 -16.51 -5.05 14.54
C VAL B 76 -16.94 -5.20 16.00
N GLN B 77 -17.22 -4.07 16.64
CA GLN B 77 -17.78 -4.04 18.00
C GLN B 77 -19.08 -4.83 18.07
N THR B 78 -19.17 -5.80 19.00
CA THR B 78 -20.47 -6.35 19.39
C THR B 78 -20.87 -5.49 20.60
N PRO B 79 -22.07 -4.85 20.53
CA PRO B 79 -22.39 -3.73 21.42
C PRO B 79 -22.73 -4.06 22.88
N GLY B 80 -23.09 -5.30 23.17
CA GLY B 80 -23.22 -5.71 24.56
C GLY B 80 -21.89 -5.68 25.29
N VAL B 81 -20.89 -6.36 24.73
CA VAL B 81 -19.72 -6.83 25.50
C VAL B 81 -18.49 -5.95 25.46
N THR B 82 -17.58 -6.22 26.38
CA THR B 82 -16.28 -5.57 26.46
C THR B 82 -15.31 -6.26 25.50
N SER B 83 -14.80 -5.52 24.53
CA SER B 83 -13.92 -6.09 23.51
C SER B 83 -12.53 -6.40 24.07
N TYR B 84 -11.93 -5.42 24.74
CA TYR B 84 -10.63 -5.56 25.43
C TYR B 84 -10.59 -4.68 26.67
N TRP B 85 -9.65 -4.98 27.56
CA TRP B 85 -9.29 -4.10 28.68
C TRP B 85 -7.94 -3.46 28.40
N LEU B 86 -7.85 -2.13 28.58
CA LEU B 86 -6.60 -1.40 28.47
C LEU B 86 -6.06 -1.16 29.87
N THR B 87 -4.77 -1.41 30.06
CA THR B 87 -4.10 -1.17 31.33
C THR B 87 -2.82 -0.37 31.08
N GLU B 88 -2.84 0.92 31.42
CA GLU B 88 -1.71 1.84 31.18
C GLU B 88 -0.71 1.80 32.34
N TRP B 89 0.50 1.33 32.05
CA TRP B 89 1.58 1.24 33.03
C TRP B 89 2.51 2.43 32.90
N VAL B 90 2.81 3.07 34.03
CA VAL B 90 3.72 4.20 34.10
C VAL B 90 4.75 3.91 35.17
N ASP B 91 6.02 3.81 34.77
CA ASP B 91 7.14 3.67 35.70
C ASP B 91 7.05 2.36 36.52
N GLY B 92 6.33 1.36 35.99
CA GLY B 92 6.03 0.14 36.73
C GLY B 92 4.67 0.11 37.44
N LYS B 93 4.10 1.29 37.74
CA LYS B 93 2.84 1.40 38.47
C LYS B 93 1.68 1.71 37.51
N ALA B 94 0.47 1.29 37.90
CA ALA B 94 -0.73 1.49 37.07
C ALA B 94 -1.25 2.93 37.16
N ARG B 95 -1.61 3.48 36.01
CA ARG B 95 -2.22 4.81 35.89
C ARG B 95 -3.67 4.66 35.43
N ALA B 96 -4.56 5.44 36.00
CA ALA B 96 -5.97 5.46 35.58
C ALA B 96 -6.07 6.08 34.19
N LEU B 97 -7.05 5.62 33.41
CA LEU B 97 -7.29 6.17 32.06
C LEU B 97 -8.50 7.12 32.05
N PRO B 98 -8.50 8.10 31.14
CA PRO B 98 -9.60 9.07 31.12
C PRO B 98 -10.87 8.49 30.51
N ASP B 99 -11.96 9.25 30.57
CA ASP B 99 -13.23 8.81 29.98
C ASP B 99 -13.27 9.16 28.49
N SER B 100 -13.77 8.21 27.69
CA SER B 100 -13.80 8.34 26.24
C SER B 100 -14.74 7.33 25.60
N LEU B 101 -15.44 7.78 24.56
CA LEU B 101 -16.20 6.88 23.68
C LEU B 101 -15.23 6.28 22.67
N PHE B 102 -15.64 5.20 22.02
CA PHE B 102 -14.78 4.46 21.08
C PHE B 102 -15.50 4.27 19.74
N SER B 103 -14.74 3.91 18.72
CA SER B 103 -15.32 3.63 17.41
C SER B 103 -15.52 2.13 17.26
N SER B 104 -16.54 1.75 16.51
CA SER B 104 -16.99 0.35 16.40
C SER B 104 -16.24 -0.54 15.39
N GLY B 105 -15.38 0.07 14.56
CA GLY B 105 -14.59 -0.68 13.57
C GLY B 105 -15.35 -1.14 12.33
N ARG B 106 -16.48 -0.49 12.03
CA ARG B 106 -17.21 -0.74 10.79
C ARG B 106 -16.46 -0.18 9.59
N PHE B 107 -15.96 1.06 9.74
CA PHE B 107 -15.23 1.76 8.68
C PHE B 107 -14.15 0.91 8.05
N GLU B 108 -13.40 0.21 8.89
CA GLU B 108 -12.27 -0.60 8.43
C GLU B 108 -12.73 -1.94 7.84
N THR B 109 -13.96 -2.35 8.14
CA THR B 109 -14.53 -3.57 7.57
C THR B 109 -15.56 -3.31 6.46
N ASN B 110 -15.56 -2.10 5.88
CA ASN B 110 -16.47 -1.72 4.79
C ASN B 110 -17.97 -1.88 5.07
N SER B 111 -18.34 -1.80 6.34
CA SER B 111 -19.74 -1.96 6.74
C SER B 111 -20.38 -0.58 6.85
N ARG B 112 -21.63 -0.47 6.37
CA ARG B 112 -22.44 0.74 6.53
C ARG B 112 -23.70 0.40 7.34
N ALA B 113 -23.62 -0.61 8.21
CA ALA B 113 -24.80 -1.24 8.83
C ALA B 113 -24.92 -0.94 10.32
N PHE B 114 -26.15 -1.02 10.83
CA PHE B 114 -26.40 -0.87 12.27
C PHE B 114 -25.89 -2.09 13.01
N LEU B 115 -25.48 -1.93 14.25
CA LEU B 115 -25.06 -3.06 15.09
C LEU B 115 -26.25 -3.82 15.70
N ASP B 116 -27.29 -3.07 16.10
CA ASP B 116 -28.54 -3.65 16.59
C ASP B 116 -29.74 -3.00 15.94
N GLU B 117 -30.92 -3.53 16.27
CA GLU B 117 -32.17 -2.84 16.05
C GLU B 117 -32.20 -1.65 17.02
N ALA B 118 -31.70 -1.88 18.24
CA ALA B 118 -31.52 -0.84 19.25
C ALA B 118 -30.84 0.42 18.71
N GLU B 119 -29.89 0.27 17.80
CA GLU B 119 -29.23 1.41 17.16
C GLU B 119 -30.18 2.19 16.26
N GLU B 120 -30.80 1.50 15.30
CA GLU B 120 -31.70 2.19 14.36
C GLU B 120 -32.94 2.77 15.05
N LYS B 121 -33.38 2.13 16.13
CA LYS B 121 -34.39 2.69 17.03
C LYS B 121 -33.91 4.00 17.65
N PHE B 122 -32.68 3.97 18.19
CA PHE B 122 -32.04 5.15 18.77
C PHE B 122 -31.78 6.24 17.74
N ALA B 123 -31.21 5.85 16.60
CA ALA B 123 -30.83 6.81 15.55
C ALA B 123 -32.05 7.55 14.99
N ALA B 124 -33.16 6.83 14.89
CA ALA B 124 -34.46 7.42 14.54
C ALA B 124 -34.92 8.36 15.65
N ALA B 125 -34.96 7.83 16.87
CA ALA B 125 -35.45 8.58 18.03
C ALA B 125 -34.55 9.74 18.46
N HIS B 126 -33.28 9.73 18.06
CA HIS B 126 -32.35 10.82 18.35
C HIS B 126 -31.52 11.14 17.12
N PRO B 127 -32.09 11.89 16.15
CA PRO B 127 -31.38 12.15 14.89
C PRO B 127 -30.08 12.95 15.01
N HIS B 128 -29.22 12.80 14.00
CA HIS B 128 -27.95 13.47 13.93
C HIS B 128 -28.08 14.62 12.93
N ALA B 129 -28.10 15.84 13.45
CA ALA B 129 -28.30 17.03 12.62
C ALA B 129 -27.81 18.26 13.36
N CYS B 130 -27.50 19.32 12.60
CA CYS B 130 -26.92 20.51 13.18
C CYS B 130 -27.97 21.40 13.87
N LEU B 131 -28.80 22.11 13.12
CA LEU B 131 -29.68 23.16 13.67
C LEU B 131 -28.90 24.39 14.22
N GLY B 132 -27.69 24.62 13.73
CA GLY B 132 -26.86 25.78 14.13
C GLY B 132 -26.08 26.28 12.92
N GLU B 133 -25.22 27.28 13.10
CA GLU B 133 -24.58 27.95 11.94
C GLU B 133 -23.67 27.06 11.02
N ILE B 134 -22.57 26.46 11.48
CA ILE B 134 -21.95 26.64 12.81
C ILE B 134 -20.41 26.61 12.70
N ASN B 135 -19.89 27.08 11.55
CA ASN B 135 -18.45 27.03 11.22
C ASN B 135 -17.92 25.60 11.11
N LYS B 136 -18.54 24.82 10.22
CA LYS B 136 -18.21 23.41 9.99
C LYS B 136 -16.98 23.30 9.10
N SER B 137 -16.12 22.33 9.37
CA SER B 137 -14.86 22.14 8.64
C SER B 137 -15.00 21.37 7.31
N THR B 138 -16.22 21.14 6.84
CA THR B 138 -16.47 20.34 5.63
C THR B 138 -17.80 20.76 4.99
N GLY B 141 -20.78 17.40 5.03
CA GLY B 141 -20.70 17.85 6.41
C GLY B 141 -20.22 16.78 7.39
N SER B 142 -21.15 16.17 8.12
CA SER B 142 -20.83 15.09 9.08
C SER B 142 -22.01 14.12 9.20
N ALA B 143 -21.71 12.83 9.40
CA ALA B 143 -22.76 11.81 9.47
C ALA B 143 -22.31 10.47 10.08
N PHE B 144 -23.26 9.81 10.76
CA PHE B 144 -23.10 8.41 11.22
C PHE B 144 -22.96 7.47 10.03
N ILE B 145 -22.01 6.54 10.14
CA ILE B 145 -21.63 5.65 9.02
C ILE B 145 -22.79 4.85 8.42
N PHE B 146 -23.81 4.59 9.23
CA PHE B 146 -25.06 3.99 8.74
C PHE B 146 -26.02 4.91 7.95
N SER B 147 -25.69 6.20 7.79
CA SER B 147 -26.58 7.13 7.11
C SER B 147 -26.82 6.75 5.67
N GLN B 148 -28.09 6.79 5.26
CA GLN B 148 -28.48 6.73 3.86
C GLN B 148 -28.00 7.96 3.06
N TYR B 149 -27.82 9.10 3.72
CA TYR B 149 -27.36 10.33 3.05
C TYR B 149 -25.91 10.26 2.58
N LEU B 150 -25.08 9.44 3.23
CA LEU B 150 -23.68 9.23 2.82
C LEU B 150 -23.59 8.51 1.47
N PRO B 151 -22.49 8.73 0.71
CA PRO B 151 -22.24 7.86 -0.45
C PRO B 151 -21.76 6.47 -0.01
N PRO B 152 -21.86 5.47 -0.91
CA PRO B 152 -21.48 4.11 -0.54
C PRO B 152 -19.99 3.97 -0.22
N LEU B 153 -19.15 4.48 -1.11
CA LEU B 153 -17.71 4.55 -0.87
C LEU B 153 -17.40 5.59 0.19
N LEU B 154 -16.38 5.34 1.02
CA LEU B 154 -15.87 6.31 1.99
C LEU B 154 -14.33 6.19 2.16
N PRO B 155 -13.57 6.53 1.09
CA PRO B 155 -12.11 6.36 1.16
C PRO B 155 -11.48 7.32 2.15
N ALA B 156 -10.51 6.83 2.91
CA ALA B 156 -9.89 7.59 3.99
C ALA B 156 -9.15 8.84 3.49
N ASP B 157 -8.54 8.76 2.31
CA ASP B 157 -7.93 9.93 1.65
C ASP B 157 -8.93 11.09 1.38
N ALA B 158 -10.21 10.76 1.22
CA ALA B 158 -11.28 11.74 0.95
C ALA B 158 -12.19 12.07 2.13
N VAL B 159 -12.22 11.22 3.15
CA VAL B 159 -13.16 11.34 4.26
C VAL B 159 -12.42 11.40 5.59
N ALA B 160 -12.92 12.21 6.52
CA ALA B 160 -12.31 12.34 7.85
C ALA B 160 -13.01 11.47 8.89
N LEU B 161 -12.36 10.35 9.25
CA LEU B 161 -12.89 9.46 10.29
C LEU B 161 -12.64 10.07 11.66
N VAL B 162 -13.72 10.26 12.44
CA VAL B 162 -13.60 10.82 13.80
C VAL B 162 -12.85 9.85 14.73
N GLY B 163 -11.93 10.40 15.52
CA GLY B 163 -10.93 9.62 16.25
C GLY B 163 -9.63 9.37 15.46
N ALA B 164 -9.47 10.10 14.36
CA ALA B 164 -8.35 9.92 13.44
C ALA B 164 -8.14 11.21 12.63
N SER B 165 -6.98 11.33 11.99
CA SER B 165 -6.70 12.44 11.07
C SER B 165 -7.22 12.10 9.67
N LEU B 166 -7.09 13.06 8.75
CA LEU B 166 -7.42 12.85 7.35
C LEU B 166 -6.15 12.30 6.67
N ALA B 167 -6.32 11.23 5.89
CA ALA B 167 -5.22 10.64 5.14
C ALA B 167 -4.89 11.49 3.90
N GLY B 168 -3.64 11.47 3.49
CA GLY B 168 -3.22 12.09 2.23
C GLY B 168 -3.15 13.61 2.22
N LYS B 169 -2.77 14.15 1.08
CA LYS B 169 -2.45 15.57 0.92
C LYS B 169 -3.68 16.39 0.47
N ALA B 170 -4.73 16.38 1.30
CA ALA B 170 -5.97 17.09 1.01
C ALA B 170 -6.23 18.15 2.07
N ALA B 171 -6.39 19.41 1.63
CA ALA B 171 -6.54 20.55 2.53
C ALA B 171 -7.93 20.61 3.16
N LYS B 172 -8.94 20.18 2.39
CA LYS B 172 -10.30 20.04 2.86
C LYS B 172 -10.81 18.61 2.61
N ALA B 173 -11.48 18.05 3.62
CA ALA B 173 -12.13 16.75 3.51
C ALA B 173 -13.53 16.94 2.95
N ALA B 174 -14.06 15.93 2.26
CA ALA B 174 -15.43 15.99 1.75
C ALA B 174 -16.45 16.00 2.87
N CYS B 175 -16.22 15.18 3.89
CA CYS B 175 -17.06 15.15 5.07
C CYS B 175 -16.34 14.49 6.23
N SER B 176 -16.98 14.55 7.39
CA SER B 176 -16.62 13.72 8.52
C SER B 176 -17.55 12.53 8.56
N VAL B 177 -17.05 11.41 9.08
CA VAL B 177 -17.85 10.20 9.27
C VAL B 177 -17.72 9.75 10.72
N VAL B 178 -18.84 9.35 11.31
CA VAL B 178 -18.94 8.98 12.71
C VAL B 178 -19.20 7.48 12.84
N ASP B 179 -18.25 6.77 13.43
CA ASP B 179 -18.25 5.31 13.47
C ASP B 179 -18.32 4.81 14.91
N VAL B 180 -19.27 5.36 15.67
CA VAL B 180 -19.44 5.02 17.08
C VAL B 180 -20.89 4.58 17.33
N TYR B 181 -21.05 3.60 18.23
CA TYR B 181 -22.35 3.04 18.62
C TYR B 181 -23.25 4.16 19.13
N ALA B 182 -24.33 4.44 18.39
CA ALA B 182 -25.16 5.63 18.62
C ALA B 182 -25.75 5.73 20.02
N PRO B 183 -26.24 4.62 20.60
CA PRO B 183 -26.73 4.70 21.98
C PRO B 183 -25.72 5.15 23.04
N SER B 184 -24.41 5.04 22.78
CA SER B 184 -23.39 5.51 23.73
C SER B 184 -23.31 7.05 23.88
N PHE B 185 -24.07 7.80 23.07
CA PHE B 185 -24.26 9.25 23.27
C PHE B 185 -25.33 9.62 24.31
N GLU B 186 -26.17 8.64 24.67
CA GLU B 186 -27.24 8.77 25.69
C GLU B 186 -26.97 9.75 26.84
N PRO B 187 -25.87 9.57 27.61
CA PRO B 187 -25.62 10.43 28.77
C PRO B 187 -25.70 11.94 28.50
N TYR B 188 -25.17 12.37 27.36
CA TYR B 188 -25.03 13.79 27.06
C TYR B 188 -26.34 14.43 26.58
N LEU B 189 -27.28 13.60 26.13
CA LEU B 189 -28.55 14.07 25.54
C LEU B 189 -29.64 14.49 26.54
N HIS B 190 -29.25 14.83 27.77
CA HIS B 190 -30.17 15.35 28.77
C HIS B 190 -29.72 16.73 29.29
N PRO B 191 -29.62 17.73 28.38
CA PRO B 191 -29.27 19.09 28.81
C PRO B 191 -30.46 19.86 29.41
N GLU B 192 -30.14 20.82 30.28
CA GLU B 192 -31.13 21.70 30.91
C GLU B 192 -31.36 22.94 30.05
N THR B 193 -30.29 23.46 29.44
CA THR B 193 -30.38 24.53 28.44
C THR B 193 -31.09 23.99 27.18
N LEU B 194 -31.37 24.88 26.24
CA LEU B 194 -31.99 24.50 24.97
C LEU B 194 -30.94 23.93 24.00
N SER B 195 -29.81 24.63 23.88
CA SER B 195 -28.64 24.12 23.16
C SER B 195 -27.42 24.10 24.09
N ARG B 196 -26.76 22.96 24.15
CA ARG B 196 -25.58 22.72 24.98
C ARG B 196 -24.46 22.22 24.07
N VAL B 197 -23.21 22.38 24.50
CA VAL B 197 -22.06 21.87 23.75
C VAL B 197 -21.04 21.24 24.70
N TYR B 198 -20.99 19.91 24.72
CA TYR B 198 -20.08 19.16 25.59
C TYR B 198 -18.71 18.95 24.93
N LYS B 199 -17.73 18.60 25.77
CA LYS B 199 -16.38 18.25 25.33
C LYS B 199 -16.14 16.79 25.68
N ILE B 200 -15.85 15.96 24.67
CA ILE B 200 -15.78 14.51 24.82
C ILE B 200 -14.57 13.93 24.10
N MET B 201 -14.34 12.63 24.32
CA MET B 201 -13.29 11.89 23.64
C MET B 201 -13.87 10.71 22.86
N ILE B 202 -13.59 10.67 21.56
CA ILE B 202 -13.85 9.52 20.71
C ILE B 202 -12.47 8.93 20.42
N ASP B 203 -12.25 7.67 20.83
CA ASP B 203 -10.95 6.99 20.70
C ASP B 203 -9.80 7.78 21.34
N PHE B 204 -10.10 8.40 22.49
CA PHE B 204 -9.19 9.30 23.22
C PHE B 204 -8.78 10.59 22.47
N LYS B 205 -9.38 10.86 21.31
CA LYS B 205 -9.18 12.11 20.58
C LYS B 205 -10.27 13.08 21.06
N PRO B 206 -9.90 14.32 21.46
CA PRO B 206 -10.91 15.30 21.89
C PRO B 206 -11.88 15.70 20.76
N CYS B 207 -13.15 15.85 21.11
CA CYS B 207 -14.19 16.17 20.14
C CYS B 207 -15.24 17.07 20.72
N ARG B 208 -15.88 17.86 19.85
CA ARG B 208 -16.95 18.76 20.23
C ARG B 208 -18.31 18.12 19.87
N LEU B 209 -19.00 17.62 20.89
CA LEU B 209 -20.38 17.15 20.78
C LEU B 209 -21.32 18.28 21.17
N MET B 210 -22.31 18.55 20.32
CA MET B 210 -23.28 19.62 20.56
C MET B 210 -24.71 19.09 20.43
N VAL B 211 -25.55 19.52 21.37
CA VAL B 211 -26.86 18.91 21.64
C VAL B 211 -27.98 19.96 21.54
N TRP B 212 -29.18 19.51 21.17
CA TRP B 212 -30.38 20.32 21.18
C TRP B 212 -31.48 19.54 21.92
N ARG B 213 -32.00 20.14 23.00
CA ARG B 213 -32.83 19.42 23.96
C ARG B 213 -34.08 18.83 23.31
N ASN B 214 -34.33 17.54 23.57
CA ASN B 214 -35.44 16.78 22.98
C ASN B 214 -35.58 16.95 21.46
N ALA B 215 -34.44 16.95 20.79
CA ALA B 215 -34.35 17.08 19.34
C ALA B 215 -33.19 16.21 18.80
N THR B 216 -32.01 16.82 18.65
CA THR B 216 -30.91 16.20 17.94
C THR B 216 -29.56 16.51 18.57
N PHE B 217 -28.53 15.78 18.13
CA PHE B 217 -27.14 16.05 18.48
C PHE B 217 -26.28 15.94 17.21
N TYR B 218 -24.98 16.19 17.37
CA TYR B 218 -24.08 16.37 16.24
C TYR B 218 -22.61 16.32 16.73
N VAL B 219 -21.90 15.24 16.38
CA VAL B 219 -20.44 15.16 16.59
C VAL B 219 -19.70 15.96 15.51
N GLN B 220 -18.59 16.61 15.88
CA GLN B 220 -17.82 17.46 14.94
C GLN B 220 -16.28 17.40 15.07
N GLU B 221 -15.67 18.22 15.92
CA GLU B 221 -14.22 18.45 15.89
C GLU B 221 -13.47 17.52 16.84
N GLY C 2 -14.77 4.59 -21.84
CA GLY C 2 -14.60 5.28 -23.15
C GLY C 2 -15.52 6.49 -23.34
N SER C 3 -15.21 7.58 -22.64
CA SER C 3 -15.86 8.88 -22.85
C SER C 3 -15.01 10.02 -22.24
N ASN C 4 -14.08 10.54 -23.04
CA ASN C 4 -13.10 11.54 -22.58
C ASN C 4 -13.72 12.92 -22.38
N LYS C 5 -14.03 13.25 -21.12
CA LYS C 5 -14.59 14.55 -20.72
C LYS C 5 -13.58 15.37 -19.90
N ILE C 6 -13.73 16.69 -19.98
CA ILE C 6 -12.79 17.66 -19.37
C ILE C 6 -12.78 17.61 -17.84
N SER C 7 -11.60 17.87 -17.27
CA SER C 7 -11.40 17.84 -15.83
C SER C 7 -10.14 18.61 -15.45
N CYS C 8 -10.06 18.99 -14.17
CA CYS C 8 -8.88 19.60 -13.58
C CYS C 8 -8.02 18.47 -13.06
N LEU C 9 -6.83 18.80 -12.57
CA LEU C 9 -5.99 17.80 -11.91
C LEU C 9 -6.70 17.42 -10.60
N PRO C 10 -6.97 16.13 -10.38
CA PRO C 10 -7.76 15.65 -9.24
C PRO C 10 -7.56 16.37 -7.90
N ARG C 11 -6.31 16.68 -7.56
CA ARG C 11 -6.02 17.42 -6.30
C ARG C 11 -6.65 18.81 -6.19
N VAL C 12 -6.71 19.56 -7.29
CA VAL C 12 -7.28 20.91 -7.30
C VAL C 12 -8.66 20.90 -6.65
N ALA C 13 -9.52 20.02 -7.12
CA ALA C 13 -10.88 19.90 -6.60
C ALA C 13 -10.92 19.29 -5.20
N GLN C 14 -10.02 18.35 -4.92
CA GLN C 14 -9.94 17.73 -3.61
C GLN C 14 -9.47 18.70 -2.51
N ASN C 15 -8.56 19.60 -2.87
CA ASN C 15 -8.13 20.67 -1.97
C ASN C 15 -9.26 21.65 -1.58
N LEU C 16 -10.26 21.77 -2.46
CA LEU C 16 -11.51 22.52 -2.15
C LEU C 16 -12.51 21.74 -1.29
N GLY C 17 -12.40 20.41 -1.27
CA GLY C 17 -13.32 19.55 -0.52
C GLY C 17 -14.22 18.68 -1.37
N TYR C 18 -14.10 18.78 -2.69
CA TYR C 18 -14.90 17.98 -3.61
C TYR C 18 -14.05 16.78 -4.06
N HIS C 19 -14.37 15.61 -3.50
CA HIS C 19 -13.63 14.36 -3.77
C HIS C 19 -14.37 13.36 -4.66
N TYR C 20 -15.68 13.57 -4.84
CA TYR C 20 -16.54 12.64 -5.58
C TYR C 20 -16.94 13.23 -6.92
N SER C 21 -17.15 12.36 -7.90
CA SER C 21 -17.76 12.74 -9.17
C SER C 21 -18.64 11.61 -9.69
N PRO C 22 -19.88 11.94 -10.10
CA PRO C 22 -20.70 10.94 -10.78
C PRO C 22 -20.24 10.65 -12.21
N ASP C 23 -19.70 11.67 -12.90
CA ASP C 23 -19.39 11.59 -14.34
C ASP C 23 -17.89 11.60 -14.72
N LEU C 24 -17.05 12.27 -13.93
CA LEU C 24 -15.62 12.38 -14.26
C LEU C 24 -14.79 11.22 -13.68
N PRO C 25 -13.68 10.84 -14.34
CA PRO C 25 -13.00 9.57 -14.07
C PRO C 25 -11.87 9.58 -13.03
N GLY C 26 -11.30 10.75 -12.72
CA GLY C 26 -10.20 10.84 -11.76
C GLY C 26 -10.64 11.08 -10.32
N PHE C 27 -11.85 10.65 -9.97
CA PHE C 27 -12.45 10.91 -8.65
C PHE C 27 -13.20 9.70 -8.13
N CYS C 28 -13.58 9.78 -6.85
CA CYS C 28 -14.34 8.72 -6.20
C CYS C 28 -15.75 8.68 -6.82
N PRO C 29 -16.18 7.51 -7.31
CA PRO C 29 -17.51 7.46 -7.92
C PRO C 29 -18.64 7.59 -6.90
N ILE C 30 -19.69 8.29 -7.32
CA ILE C 30 -20.92 8.46 -6.54
C ILE C 30 -22.08 8.28 -7.50
N PRO C 31 -23.23 7.75 -7.01
CA PRO C 31 -24.41 7.70 -7.89
C PRO C 31 -24.98 9.10 -8.19
N LYS C 32 -25.19 9.36 -9.49
CA LYS C 32 -25.82 10.61 -10.00
C LYS C 32 -27.11 11.03 -9.29
N GLU C 33 -27.88 10.04 -8.81
CA GLU C 33 -29.07 10.27 -8.00
C GLU C 33 -28.71 10.99 -6.69
N LEU C 34 -27.66 10.52 -6.03
CA LEU C 34 -27.16 11.07 -4.76
C LEU C 34 -26.45 12.43 -4.93
N ALA C 35 -25.85 12.65 -6.09
CA ALA C 35 -25.10 13.88 -6.40
C ALA C 35 -25.86 15.20 -6.19
N GLU C 36 -27.20 15.13 -6.23
CA GLU C 36 -28.03 16.29 -5.94
C GLU C 36 -27.91 16.74 -4.49
N HIS C 37 -27.73 15.78 -3.57
CA HIS C 37 -27.61 16.04 -2.13
C HIS C 37 -26.22 15.76 -1.58
N TRP C 38 -25.17 16.00 -2.38
CA TRP C 38 -23.79 15.78 -1.92
C TRP C 38 -22.80 16.75 -2.62
N PRO C 39 -21.73 17.18 -1.91
CA PRO C 39 -20.67 17.93 -2.58
C PRO C 39 -19.92 17.11 -3.63
N VAL C 40 -20.03 17.50 -4.90
CA VAL C 40 -19.41 16.79 -6.01
C VAL C 40 -18.71 17.71 -6.98
N VAL C 41 -17.88 17.12 -7.82
CA VAL C 41 -17.21 17.82 -8.91
C VAL C 41 -17.65 17.14 -10.20
N SER C 42 -17.96 17.94 -11.21
CA SER C 42 -18.60 17.44 -12.43
C SER C 42 -18.56 18.50 -13.52
N ASN C 43 -18.93 18.10 -14.73
CA ASN C 43 -19.22 19.07 -15.79
C ASN C 43 -20.56 19.77 -15.58
N ASP C 44 -21.50 19.09 -14.93
CA ASP C 44 -22.88 19.56 -14.80
C ASP C 44 -23.06 20.25 -13.45
N ARG C 45 -23.91 21.29 -13.41
CA ARG C 45 -24.18 22.02 -12.18
C ARG C 45 -25.19 21.25 -11.32
N TYR C 46 -24.85 21.06 -10.06
CA TYR C 46 -25.74 20.46 -9.05
C TYR C 46 -25.90 21.51 -7.94
N PRO C 47 -26.82 21.28 -6.98
CA PRO C 47 -27.07 22.27 -5.91
C PRO C 47 -25.84 22.72 -5.12
N ASN C 48 -25.01 21.76 -4.75
CA ASN C 48 -23.74 22.02 -4.08
C ASN C 48 -22.66 21.24 -4.83
N CYS C 49 -21.90 21.96 -5.65
CA CYS C 49 -20.89 21.32 -6.50
C CYS C 49 -19.86 22.31 -7.05
N LEU C 50 -18.66 21.78 -7.30
CA LEU C 50 -17.63 22.49 -8.04
C LEU C 50 -17.79 22.13 -9.51
N GLN C 51 -18.24 23.09 -10.33
CA GLN C 51 -18.45 22.82 -11.75
C GLN C 51 -17.22 23.14 -12.59
N ILE C 52 -16.68 22.11 -13.24
CA ILE C 52 -15.56 22.25 -14.16
C ILE C 52 -16.09 22.32 -15.57
N THR C 53 -15.68 23.35 -16.29
CA THR C 53 -16.31 23.73 -17.55
C THR C 53 -15.24 24.32 -18.49
N LEU C 54 -15.39 24.05 -19.79
CA LEU C 54 -14.37 24.42 -20.78
C LEU C 54 -14.39 25.91 -21.16
N GLN C 55 -15.54 26.57 -21.01
CA GLN C 55 -15.66 28.03 -21.21
C GLN C 55 -16.52 28.64 -20.12
N GLN C 56 -16.49 29.97 -19.99
CA GLN C 56 -17.08 30.66 -18.84
C GLN C 56 -18.57 30.37 -18.69
N VAL C 57 -19.04 30.24 -17.44
CA VAL C 57 -20.43 29.90 -17.14
C VAL C 57 -21.19 31.15 -16.70
N CYS C 58 -20.75 31.73 -15.58
CA CYS C 58 -21.32 32.99 -15.06
C CYS C 58 -20.19 33.91 -14.61
N GLU C 59 -20.54 35.11 -14.17
CA GLU C 59 -19.52 36.13 -13.83
C GLU C 59 -18.59 35.74 -12.67
N LEU C 60 -19.07 34.90 -11.75
CA LEU C 60 -18.25 34.41 -10.63
C LEU C 60 -17.31 33.22 -10.95
N SER C 61 -17.48 32.60 -12.11
CA SER C 61 -16.60 31.50 -12.56
C SER C 61 -15.16 31.98 -12.73
N LYS C 62 -14.20 31.12 -12.37
CA LYS C 62 -12.77 31.46 -12.37
C LYS C 62 -12.00 30.73 -13.47
N PRO C 63 -11.35 31.47 -14.39
CA PRO C 63 -10.47 30.83 -15.39
C PRO C 63 -9.14 30.41 -14.77
N CYS C 64 -8.68 29.20 -15.10
CA CYS C 64 -7.41 28.68 -14.58
C CYS C 64 -6.45 28.21 -15.67
N SER C 65 -5.39 28.99 -15.91
CA SER C 65 -4.24 28.52 -16.69
C SER C 65 -3.53 27.51 -15.79
N ALA C 66 -3.74 26.23 -16.10
CA ALA C 66 -3.36 25.13 -15.22
C ALA C 66 -3.27 23.82 -15.98
N GLY C 67 -2.62 22.84 -15.37
CA GLY C 67 -2.67 21.47 -15.84
C GLY C 67 -4.08 20.93 -15.72
N TYR C 68 -4.46 20.10 -16.68
CA TYR C 68 -5.82 19.58 -16.81
C TYR C 68 -5.84 18.17 -17.36
N MET C 69 -7.02 17.56 -17.38
CA MET C 69 -7.23 16.21 -17.92
C MET C 69 -8.38 16.19 -18.90
N VAL C 70 -8.20 15.44 -19.99
CA VAL C 70 -9.31 15.05 -20.86
C VAL C 70 -9.36 13.53 -20.75
N GLY C 71 -10.34 13.03 -20.00
CA GLY C 71 -10.42 11.62 -19.66
C GLY C 71 -9.34 11.25 -18.67
N GLN C 72 -8.70 10.11 -18.91
CA GLN C 72 -7.56 9.65 -18.10
C GLN C 72 -6.26 10.35 -18.49
N SER C 73 -6.11 10.69 -19.77
CA SER C 73 -4.91 11.36 -20.27
C SER C 73 -4.86 12.84 -19.81
N VAL C 74 -3.72 13.22 -19.23
CA VAL C 74 -3.49 14.58 -18.75
C VAL C 74 -2.73 15.42 -19.79
N PHE C 75 -2.97 16.73 -19.77
CA PHE C 75 -2.39 17.66 -20.74
C PHE C 75 -1.76 18.84 -20.02
N VAL C 76 -0.61 19.28 -20.50
CA VAL C 76 0.19 20.31 -19.84
C VAL C 76 -0.29 21.69 -20.26
N GLN C 77 -0.27 22.65 -19.32
CA GLN C 77 -0.82 23.98 -19.58
C GLN C 77 -0.02 24.69 -20.67
N THR C 78 -0.69 25.57 -21.40
CA THR C 78 0.01 26.53 -22.25
C THR C 78 -0.18 27.89 -21.54
N PRO C 79 0.90 28.66 -21.40
CA PRO C 79 0.96 29.87 -20.57
C PRO C 79 -0.05 30.94 -21.00
N GLY C 80 -0.58 31.70 -20.05
CA GLY C 80 -1.56 32.76 -20.35
C GLY C 80 -2.94 32.28 -20.76
N VAL C 81 -3.00 31.12 -21.42
CA VAL C 81 -4.25 30.55 -21.91
C VAL C 81 -4.96 29.85 -20.78
N THR C 82 -6.26 30.11 -20.66
CA THR C 82 -7.11 29.43 -19.69
C THR C 82 -7.28 27.98 -20.13
N SER C 83 -7.09 27.05 -19.20
CA SER C 83 -7.36 25.63 -19.45
C SER C 83 -8.82 25.28 -19.13
N TYR C 84 -9.36 25.85 -18.06
CA TYR C 84 -10.75 25.60 -17.66
C TYR C 84 -11.30 26.67 -16.72
N TRP C 85 -12.62 26.64 -16.53
CA TRP C 85 -13.31 27.51 -15.58
C TRP C 85 -13.85 26.65 -14.43
N LEU C 86 -13.88 27.21 -13.21
CA LEU C 86 -14.49 26.56 -12.04
C LEU C 86 -15.58 27.41 -11.44
N THR C 87 -16.71 26.79 -11.17
CA THR C 87 -17.86 27.47 -10.60
C THR C 87 -18.24 26.72 -9.32
N GLU C 88 -18.11 27.37 -8.17
CA GLU C 88 -18.47 26.76 -6.88
C GLU C 88 -19.93 27.08 -6.55
N TRP C 89 -20.81 26.13 -6.84
CA TRP C 89 -22.21 26.27 -6.50
C TRP C 89 -22.42 25.90 -5.03
N VAL C 90 -23.13 26.75 -4.30
CA VAL C 90 -23.52 26.49 -2.91
C VAL C 90 -25.02 26.79 -2.78
N ASP C 91 -25.81 25.74 -2.54
CA ASP C 91 -27.28 25.82 -2.48
C ASP C 91 -27.86 26.48 -3.75
N GLY C 92 -27.25 26.18 -4.90
CA GLY C 92 -27.67 26.75 -6.18
C GLY C 92 -27.08 28.09 -6.55
N LYS C 93 -26.53 28.83 -5.57
CA LYS C 93 -25.94 30.14 -5.81
C LYS C 93 -24.41 30.02 -5.88
N ALA C 94 -23.80 30.72 -6.84
CA ALA C 94 -22.35 30.69 -7.03
C ALA C 94 -21.62 31.40 -5.88
N ARG C 95 -20.39 30.95 -5.61
CA ARG C 95 -19.52 31.57 -4.60
C ARG C 95 -18.10 31.76 -5.16
N ALA C 96 -17.47 32.87 -4.80
CA ALA C 96 -16.17 33.25 -5.35
C ALA C 96 -15.07 32.36 -4.80
N LEU C 97 -14.29 31.76 -5.70
CA LEU C 97 -13.14 30.95 -5.31
C LEU C 97 -11.95 31.83 -4.91
N PRO C 98 -11.07 31.34 -4.03
CA PRO C 98 -9.86 32.12 -3.72
C PRO C 98 -8.93 32.33 -4.91
N ASP C 99 -7.94 33.20 -4.73
CA ASP C 99 -6.84 33.27 -5.67
C ASP C 99 -5.87 32.16 -5.33
N SER C 100 -5.29 31.55 -6.36
CA SER C 100 -4.35 30.46 -6.18
C SER C 100 -3.50 30.30 -7.43
N LEU C 101 -2.26 29.86 -7.25
CA LEU C 101 -1.44 29.40 -8.37
C LEU C 101 -1.87 27.98 -8.72
N PHE C 102 -1.46 27.53 -9.91
CA PHE C 102 -1.84 26.20 -10.38
C PHE C 102 -0.65 25.44 -10.99
N SER C 103 -0.64 24.13 -10.77
CA SER C 103 0.40 23.26 -11.29
C SER C 103 0.21 23.09 -12.79
N SER C 104 1.33 22.99 -13.51
CA SER C 104 1.33 22.86 -14.97
C SER C 104 0.82 21.51 -15.49
N GLY C 105 0.93 20.46 -14.68
CA GLY C 105 0.70 19.09 -15.14
C GLY C 105 1.94 18.40 -15.69
N ARG C 106 3.12 19.03 -15.51
CA ARG C 106 4.40 18.43 -15.89
C ARG C 106 4.72 17.24 -15.00
N PHE C 107 4.39 17.32 -13.71
CA PHE C 107 4.62 16.22 -12.75
C PHE C 107 4.00 14.92 -13.19
N GLU C 108 2.78 14.98 -13.70
CA GLU C 108 2.06 13.76 -14.07
C GLU C 108 2.56 13.23 -15.41
N THR C 109 2.72 14.12 -16.40
CA THR C 109 3.33 13.75 -17.67
C THR C 109 4.84 13.45 -17.58
N ASN C 110 5.49 13.92 -16.51
CA ASN C 110 6.94 13.79 -16.31
C ASN C 110 7.76 14.42 -17.45
N SER C 111 7.25 15.52 -18.01
CA SER C 111 7.95 16.29 -19.03
C SER C 111 8.70 17.40 -18.32
N ARG C 112 10.02 17.29 -18.27
CA ARG C 112 10.83 18.22 -17.48
C ARG C 112 11.05 19.58 -18.17
N ALA C 113 10.67 19.72 -19.44
CA ALA C 113 10.98 20.90 -20.25
C ALA C 113 10.27 22.19 -19.81
N PHE C 114 10.75 23.31 -20.34
CA PHE C 114 10.16 24.62 -20.10
C PHE C 114 8.95 24.80 -21.00
N LEU C 115 8.00 25.61 -20.53
CA LEU C 115 6.79 25.92 -21.27
C LEU C 115 7.03 27.07 -22.22
N ASP C 116 7.64 28.15 -21.72
CA ASP C 116 7.96 29.34 -22.52
C ASP C 116 9.42 29.42 -22.88
N GLU C 117 9.72 30.32 -23.81
CA GLU C 117 11.06 30.87 -23.95
C GLU C 117 11.33 31.70 -22.69
N ALA C 118 10.34 32.51 -22.30
CA ALA C 118 10.32 33.27 -21.04
C ALA C 118 10.78 32.52 -19.78
N GLU C 119 10.43 31.24 -19.69
CA GLU C 119 10.72 30.44 -18.49
C GLU C 119 12.17 29.96 -18.47
N GLU C 120 12.68 29.57 -19.65
CA GLU C 120 14.10 29.24 -19.83
C GLU C 120 14.95 30.41 -19.36
N LYS C 121 14.58 31.60 -19.81
CA LYS C 121 15.25 32.84 -19.42
C LYS C 121 15.06 33.14 -17.93
N PHE C 122 13.84 32.94 -17.42
CA PHE C 122 13.55 33.13 -15.99
C PHE C 122 14.36 32.18 -15.11
N ALA C 123 14.48 30.93 -15.56
CA ALA C 123 15.30 29.93 -14.89
C ALA C 123 16.78 30.29 -14.97
N ALA C 124 17.18 30.85 -16.11
CA ALA C 124 18.55 31.36 -16.27
C ALA C 124 18.85 32.51 -15.31
N ALA C 125 17.91 33.46 -15.21
CA ALA C 125 18.05 34.62 -14.30
C ALA C 125 17.99 34.27 -12.81
N HIS C 126 17.43 33.11 -12.46
CA HIS C 126 17.38 32.65 -11.08
C HIS C 126 18.07 31.31 -10.92
N PRO C 127 19.39 31.33 -10.61
CA PRO C 127 20.19 30.10 -10.43
C PRO C 127 19.56 29.02 -9.54
N HIS C 128 18.92 29.43 -8.44
CA HIS C 128 18.26 28.48 -7.53
C HIS C 128 16.85 28.06 -7.96
N ALA C 129 16.25 28.76 -8.93
CA ALA C 129 15.11 28.21 -9.69
C ALA C 129 15.58 26.99 -10.48
N CYS C 130 16.77 27.10 -11.06
CA CYS C 130 17.51 25.94 -11.55
C CYS C 130 18.19 25.23 -10.36
N LEU C 131 19.35 24.59 -10.58
CA LEU C 131 20.03 23.84 -9.52
C LEU C 131 20.87 24.73 -8.56
N GLY C 132 22.21 24.64 -8.62
CA GLY C 132 23.11 25.30 -7.64
C GLY C 132 23.47 24.37 -6.49
N GLU C 133 24.77 24.19 -6.24
CA GLU C 133 25.25 23.18 -5.26
C GLU C 133 26.64 23.47 -4.66
N ILE C 134 26.76 23.33 -3.33
CA ILE C 134 27.93 23.80 -2.56
C ILE C 134 28.98 22.69 -2.30
N ASN C 135 28.70 21.78 -1.36
CA ASN C 135 29.67 20.75 -0.94
C ASN C 135 29.08 19.33 -0.91
N LYS C 136 28.33 19.01 0.15
CA LYS C 136 27.55 17.77 0.25
C LYS C 136 26.04 18.08 0.38
N SER C 137 25.65 19.31 0.02
CA SER C 137 24.26 19.78 0.08
C SER C 137 23.85 20.45 -1.23
N THR C 138 22.80 19.93 -1.87
CA THR C 138 22.31 20.45 -3.16
C THR C 138 21.21 21.50 -2.92
N VAL C 139 21.52 22.76 -3.24
CA VAL C 139 20.61 23.89 -2.94
C VAL C 139 19.60 24.19 -4.07
N GLY C 140 18.37 23.70 -3.92
CA GLY C 140 17.32 23.86 -4.94
C GLY C 140 17.15 22.60 -5.77
N ALA C 143 13.11 25.46 -6.03
CA ALA C 143 13.35 24.31 -6.89
C ALA C 143 12.11 24.01 -7.74
N PHE C 144 12.35 23.67 -9.01
CA PHE C 144 11.29 23.39 -10.00
C PHE C 144 11.54 22.04 -10.64
N ILE C 145 10.53 21.54 -11.34
CA ILE C 145 10.63 20.21 -11.99
C ILE C 145 11.76 20.15 -13.03
N PHE C 146 11.97 21.26 -13.74
CA PHE C 146 13.06 21.36 -14.72
C PHE C 146 14.48 21.34 -14.11
N SER C 147 14.59 21.71 -12.83
CA SER C 147 15.88 21.73 -12.11
C SER C 147 16.69 20.43 -12.17
N GLN C 148 17.99 20.56 -11.94
CA GLN C 148 18.95 19.54 -12.41
C GLN C 148 18.91 18.26 -11.60
N TYR C 149 19.12 18.38 -10.30
CA TYR C 149 19.56 17.24 -9.48
C TYR C 149 18.40 16.48 -8.82
N LEU C 150 17.32 16.27 -9.58
CA LEU C 150 16.10 15.61 -9.09
C LEU C 150 16.07 14.14 -9.50
N PRO C 151 15.19 13.33 -8.87
CA PRO C 151 15.08 11.91 -9.22
C PRO C 151 14.14 11.66 -10.42
N PRO C 152 14.03 10.39 -10.88
CA PRO C 152 13.23 10.09 -12.08
C PRO C 152 11.70 10.05 -11.89
N LEU C 153 11.21 10.04 -10.65
CA LEU C 153 9.77 10.01 -10.39
C LEU C 153 9.35 10.86 -9.17
N LEU C 154 8.17 11.49 -9.30
CA LEU C 154 7.64 12.45 -8.32
C LEU C 154 6.08 12.44 -8.37
N PRO C 155 5.38 13.04 -7.36
CA PRO C 155 3.90 12.99 -7.34
C PRO C 155 3.08 14.27 -7.70
N ALA C 156 2.82 15.17 -6.75
CA ALA C 156 1.77 16.19 -6.94
C ALA C 156 1.73 17.40 -5.94
N ASP C 157 1.75 18.63 -6.47
CA ASP C 157 1.42 19.90 -5.73
C ASP C 157 2.34 20.35 -4.58
N ALA C 158 3.23 21.32 -4.84
CA ALA C 158 4.26 21.71 -3.87
C ALA C 158 4.96 20.49 -3.25
N VAL C 159 5.62 19.73 -4.12
CA VAL C 159 6.14 18.39 -3.81
C VAL C 159 7.41 18.39 -2.96
N ALA C 160 7.41 17.64 -1.86
CA ALA C 160 8.64 17.37 -1.09
C ALA C 160 9.22 16.07 -1.61
N LEU C 161 9.85 16.14 -2.79
CA LEU C 161 10.52 14.98 -3.42
C LEU C 161 11.78 14.79 -2.62
N VAL C 162 11.61 14.17 -1.46
CA VAL C 162 12.65 14.08 -0.44
C VAL C 162 13.83 13.36 -1.07
N GLY C 163 14.74 14.16 -1.62
CA GLY C 163 15.90 13.65 -2.33
C GLY C 163 16.24 14.48 -3.55
N ALA C 164 17.33 15.23 -3.42
CA ALA C 164 18.05 15.78 -4.55
C ALA C 164 19.43 15.17 -4.49
N SER C 165 20.09 15.01 -5.64
CA SER C 165 21.40 14.37 -5.68
C SER C 165 22.18 14.61 -6.96
N LEU C 166 23.39 15.15 -6.81
CA LEU C 166 24.44 14.91 -7.78
C LEU C 166 25.09 13.64 -7.28
N ALA C 167 25.08 12.59 -8.12
CA ALA C 167 25.57 11.28 -7.74
C ALA C 167 27.03 11.34 -7.28
N GLY C 168 27.29 10.78 -6.10
CA GLY C 168 28.64 10.61 -5.61
C GLY C 168 29.29 11.76 -4.87
N LYS C 169 28.69 12.97 -4.92
CA LYS C 169 29.23 14.08 -4.12
C LYS C 169 28.27 14.84 -3.19
N ALA C 170 26.97 14.88 -3.49
CA ALA C 170 26.04 15.66 -2.66
C ALA C 170 24.61 15.14 -2.62
N ALA C 171 23.88 15.59 -1.59
CA ALA C 171 22.50 15.20 -1.35
C ALA C 171 21.77 16.20 -0.43
N LYS C 172 20.50 16.49 -0.77
CA LYS C 172 19.60 17.25 0.09
C LYS C 172 18.51 16.29 0.55
N ALA C 173 18.35 16.18 1.87
CA ALA C 173 17.38 15.27 2.46
C ALA C 173 15.97 15.52 1.92
N ALA C 174 15.44 16.72 2.20
CA ALA C 174 14.07 17.08 1.85
C ALA C 174 14.06 18.34 0.98
N CYS C 175 13.98 18.12 -0.33
CA CYS C 175 13.93 19.20 -1.31
C CYS C 175 12.48 19.44 -1.71
N SER C 176 11.99 20.66 -1.47
CA SER C 176 10.63 21.04 -1.89
C SER C 176 10.67 21.58 -3.33
N VAL C 177 9.99 20.87 -4.22
CA VAL C 177 9.99 21.20 -5.66
C VAL C 177 8.54 21.37 -6.10
N VAL C 178 8.34 22.29 -7.05
CA VAL C 178 6.99 22.69 -7.45
C VAL C 178 6.77 22.64 -8.98
N ASP C 179 5.52 22.39 -9.37
CA ASP C 179 5.13 22.19 -10.78
C ASP C 179 4.96 23.49 -11.55
N VAL C 180 4.49 24.52 -10.83
CA VAL C 180 3.93 25.73 -11.44
C VAL C 180 4.89 26.48 -12.36
N TYR C 181 4.31 27.13 -13.38
CA TYR C 181 4.97 28.07 -14.27
C TYR C 181 5.77 29.12 -13.47
N ALA C 182 7.05 29.27 -13.80
CA ALA C 182 8.00 29.99 -12.94
C ALA C 182 7.75 31.49 -12.87
N PRO C 183 7.50 32.17 -14.01
CA PRO C 183 7.16 33.61 -14.00
C PRO C 183 5.89 34.00 -13.22
N SER C 184 5.07 33.02 -12.83
CA SER C 184 3.94 33.26 -11.93
C SER C 184 4.39 33.73 -10.54
N PHE C 185 5.66 33.50 -10.19
CA PHE C 185 6.24 34.00 -8.93
C PHE C 185 6.88 35.38 -8.99
N GLU C 186 7.06 35.94 -10.19
CA GLU C 186 7.64 37.29 -10.35
C GLU C 186 7.07 38.36 -9.40
N PRO C 187 5.72 38.41 -9.22
CA PRO C 187 5.13 39.41 -8.29
C PRO C 187 5.69 39.42 -6.87
N TYR C 188 6.04 38.25 -6.35
CA TYR C 188 6.48 38.11 -4.96
C TYR C 188 7.98 38.37 -4.77
N LEU C 189 8.76 38.29 -5.84
CA LEU C 189 10.24 38.29 -5.77
C LEU C 189 10.91 39.65 -5.48
N HIS C 190 10.14 40.74 -5.46
CA HIS C 190 10.67 42.06 -5.14
C HIS C 190 9.89 42.69 -3.99
N PRO C 191 10.17 42.23 -2.74
CA PRO C 191 9.56 42.84 -1.56
C PRO C 191 10.27 44.11 -1.13
N GLU C 192 9.67 44.84 -0.19
CA GLU C 192 10.25 46.05 0.38
C GLU C 192 11.45 45.71 1.30
N THR C 193 11.34 44.59 2.02
CA THR C 193 12.36 44.12 2.98
C THR C 193 13.32 43.11 2.34
N LEU C 194 14.30 42.64 3.11
CA LEU C 194 15.35 41.72 2.61
C LEU C 194 14.81 40.30 2.39
N SER C 195 14.11 39.78 3.39
CA SER C 195 13.40 38.48 3.28
C SER C 195 11.91 38.67 3.55
N ARG C 196 11.13 37.72 3.08
CA ARG C 196 9.68 37.80 3.09
C ARG C 196 9.07 36.41 2.94
N VAL C 197 8.01 36.15 3.71
CA VAL C 197 7.27 34.88 3.66
C VAL C 197 5.80 35.19 3.36
N TYR C 198 5.33 34.73 2.20
CA TYR C 198 3.95 34.96 1.75
C TYR C 198 3.09 33.72 1.99
N LYS C 199 1.85 33.94 2.45
CA LYS C 199 0.87 32.86 2.55
C LYS C 199 0.15 32.80 1.21
N ILE C 200 0.28 31.68 0.51
CA ILE C 200 -0.28 31.52 -0.84
C ILE C 200 -1.03 30.20 -0.99
N MET C 201 -1.55 29.95 -2.19
CA MET C 201 -2.16 28.67 -2.53
C MET C 201 -1.68 28.18 -3.90
N ILE C 202 -1.36 26.89 -3.96
CA ILE C 202 -0.97 26.22 -5.19
C ILE C 202 -1.93 25.05 -5.35
N ASP C 203 -2.74 25.06 -6.42
CA ASP C 203 -3.89 24.14 -6.57
C ASP C 203 -4.79 24.18 -5.33
N PHE C 204 -5.05 25.37 -4.80
CA PHE C 204 -5.83 25.57 -3.57
C PHE C 204 -5.30 24.88 -2.30
N LYS C 205 -4.01 24.52 -2.28
CA LYS C 205 -3.37 23.94 -1.10
C LYS C 205 -2.79 25.12 -0.35
N PRO C 206 -3.21 25.33 0.91
CA PRO C 206 -2.54 26.37 1.71
C PRO C 206 -1.07 26.01 1.96
N CYS C 207 -0.18 26.90 1.55
CA CYS C 207 1.25 26.68 1.71
C CYS C 207 2.00 28.01 1.68
N ARG C 208 3.29 27.96 2.01
CA ARG C 208 4.10 29.16 2.24
C ARG C 208 5.26 29.29 1.24
N LEU C 209 5.42 30.49 0.67
CA LEU C 209 6.51 30.83 -0.25
C LEU C 209 7.60 31.65 0.45
N MET C 210 8.80 31.09 0.56
CA MET C 210 9.94 31.75 1.20
C MET C 210 10.67 32.60 0.15
N VAL C 211 10.85 33.89 0.43
CA VAL C 211 11.51 34.80 -0.52
C VAL C 211 12.74 35.48 0.11
N TRP C 212 13.84 35.48 -0.65
CA TRP C 212 15.06 36.21 -0.30
C TRP C 212 15.46 37.02 -1.52
N ARG C 213 15.28 38.34 -1.48
CA ARG C 213 15.43 39.18 -2.67
C ARG C 213 16.81 39.01 -3.31
N ASN C 214 16.81 38.83 -4.63
CA ASN C 214 18.03 38.75 -5.45
C ASN C 214 18.97 37.59 -5.07
N ALA C 215 18.41 36.41 -4.82
CA ALA C 215 19.18 35.23 -4.41
C ALA C 215 18.41 33.91 -4.59
N THR C 216 17.34 33.74 -3.80
CA THR C 216 16.60 32.46 -3.71
C THR C 216 15.11 32.66 -3.41
N PHE C 217 14.34 31.62 -3.70
CA PHE C 217 12.98 31.48 -3.21
C PHE C 217 12.54 30.02 -3.36
N TYR C 218 11.60 29.59 -2.52
CA TYR C 218 11.02 28.24 -2.64
C TYR C 218 9.73 28.10 -1.83
N VAL C 219 8.78 27.31 -2.36
CA VAL C 219 7.52 27.03 -1.68
C VAL C 219 7.72 25.95 -0.61
N GLN C 220 6.83 25.93 0.38
CA GLN C 220 6.90 24.98 1.49
C GLN C 220 5.54 24.31 1.73
N GLU C 221 4.86 24.63 2.84
CA GLU C 221 3.72 23.84 3.37
C GLU C 221 3.72 23.91 4.90
N GLY D 2 -15.60 -13.08 -27.19
CA GLY D 2 -16.33 -11.84 -26.80
C GLY D 2 -15.62 -11.03 -25.71
N SER D 3 -16.34 -10.02 -25.21
CA SER D 3 -15.86 -9.16 -24.11
C SER D 3 -15.67 -9.93 -22.79
N ASN D 4 -16.55 -10.91 -22.56
CA ASN D 4 -16.50 -11.79 -21.39
C ASN D 4 -16.08 -13.23 -21.76
N LYS D 5 -14.89 -13.64 -21.28
CA LYS D 5 -14.27 -14.93 -21.62
C LYS D 5 -13.96 -15.74 -20.36
N ILE D 6 -13.95 -17.06 -20.50
CA ILE D 6 -13.75 -17.97 -19.35
C ILE D 6 -12.32 -17.92 -18.81
N SER D 7 -12.19 -17.94 -17.49
CA SER D 7 -10.91 -17.89 -16.79
C SER D 7 -10.99 -18.65 -15.47
N CYS D 8 -9.81 -18.97 -14.92
CA CYS D 8 -9.70 -19.55 -13.60
C CYS D 8 -9.61 -18.40 -12.62
N LEU D 9 -9.65 -18.73 -11.33
CA LEU D 9 -9.28 -17.74 -10.31
C LEU D 9 -7.77 -17.46 -10.51
N PRO D 10 -7.38 -16.17 -10.68
CA PRO D 10 -6.02 -15.85 -11.12
C PRO D 10 -4.90 -16.67 -10.47
N ARG D 11 -4.97 -16.85 -9.16
CA ARG D 11 -3.95 -17.59 -8.41
C ARG D 11 -3.72 -19.04 -8.84
N VAL D 12 -4.75 -19.67 -9.42
CA VAL D 12 -4.62 -21.02 -9.99
C VAL D 12 -3.53 -21.07 -11.07
N ALA D 13 -3.52 -20.07 -11.95
CA ALA D 13 -2.48 -19.93 -12.99
C ALA D 13 -1.16 -19.38 -12.43
N GLN D 14 -1.25 -18.43 -11.50
CA GLN D 14 -0.07 -17.77 -10.94
C GLN D 14 0.78 -18.74 -10.12
N ASN D 15 0.14 -19.56 -9.29
CA ASN D 15 0.84 -20.65 -8.57
C ASN D 15 1.58 -21.62 -9.52
N LEU D 16 1.05 -21.73 -10.74
CA LEU D 16 1.59 -22.59 -11.79
C LEU D 16 2.76 -21.94 -12.56
N GLY D 17 3.00 -20.65 -12.36
CA GLY D 17 4.04 -19.89 -13.08
C GLY D 17 3.54 -18.92 -14.15
N TYR D 18 2.22 -18.84 -14.32
CA TYR D 18 1.63 -18.06 -15.39
C TYR D 18 0.94 -16.82 -14.84
N HIS D 19 1.62 -15.68 -14.95
CA HIS D 19 1.18 -14.41 -14.36
C HIS D 19 0.60 -13.38 -15.34
N TYR D 20 0.86 -13.55 -16.63
CA TYR D 20 0.44 -12.61 -17.67
C TYR D 20 -0.62 -13.24 -18.57
N SER D 21 -1.44 -12.41 -19.20
CA SER D 21 -2.38 -12.87 -20.24
C SER D 21 -2.57 -11.79 -21.31
N PRO D 22 -2.53 -12.19 -22.60
CA PRO D 22 -2.83 -11.23 -23.67
C PRO D 22 -4.32 -10.91 -23.82
N ASP D 23 -5.19 -11.90 -23.59
CA ASP D 23 -6.65 -11.72 -23.73
C ASP D 23 -7.44 -11.68 -22.40
N LEU D 24 -7.06 -12.51 -21.41
CA LEU D 24 -7.82 -12.62 -20.15
C LEU D 24 -7.59 -11.43 -19.21
N PRO D 25 -8.69 -10.85 -18.69
CA PRO D 25 -8.60 -9.56 -18.01
C PRO D 25 -7.97 -9.58 -16.61
N GLY D 26 -8.13 -10.67 -15.87
CA GLY D 26 -7.69 -10.74 -14.47
C GLY D 26 -6.22 -11.00 -14.20
N PHE D 27 -5.38 -10.91 -15.24
CA PHE D 27 -3.94 -11.12 -15.13
C PHE D 27 -3.22 -9.90 -15.66
N CYS D 28 -1.89 -9.92 -15.59
CA CYS D 28 -1.08 -8.88 -16.20
C CYS D 28 -1.28 -8.81 -17.70
N PRO D 29 -1.28 -7.60 -18.28
CA PRO D 29 -1.40 -7.51 -19.73
C PRO D 29 -0.06 -7.77 -20.39
N ILE D 30 -0.10 -8.31 -21.61
CA ILE D 30 1.10 -8.55 -22.42
C ILE D 30 0.74 -8.34 -23.91
N PRO D 31 1.64 -7.70 -24.68
CA PRO D 31 1.41 -7.57 -26.12
C PRO D 31 1.12 -8.91 -26.81
N LYS D 32 0.36 -8.84 -27.90
CA LYS D 32 -0.07 -10.06 -28.60
C LYS D 32 1.09 -10.80 -29.27
N GLU D 33 2.16 -10.07 -29.60
CA GLU D 33 3.37 -10.66 -30.17
C GLU D 33 4.15 -11.47 -29.13
N LEU D 34 4.44 -10.83 -28.01
CA LEU D 34 5.35 -11.42 -26.99
C LEU D 34 4.81 -12.66 -26.29
N ALA D 35 3.48 -12.83 -26.29
CA ALA D 35 2.82 -14.05 -25.77
C ALA D 35 3.35 -15.37 -26.37
N GLU D 36 3.85 -15.30 -27.61
CA GLU D 36 4.46 -16.46 -28.27
C GLU D 36 5.85 -16.75 -27.69
N HIS D 37 6.54 -15.72 -27.20
CA HIS D 37 7.84 -15.88 -26.57
C HIS D 37 7.79 -15.73 -25.04
N TRP D 38 6.67 -16.06 -24.42
CA TRP D 38 6.52 -15.91 -22.96
C TRP D 38 5.53 -16.91 -22.34
N PRO D 39 5.81 -17.41 -21.11
CA PRO D 39 4.81 -18.22 -20.40
C PRO D 39 3.59 -17.41 -19.95
N VAL D 40 2.46 -17.65 -20.63
CA VAL D 40 1.22 -16.88 -20.45
C VAL D 40 0.03 -17.78 -20.16
N VAL D 41 -1.05 -17.19 -19.66
CA VAL D 41 -2.34 -17.89 -19.51
C VAL D 41 -3.32 -17.23 -20.48
N SER D 42 -4.08 -18.03 -21.20
CA SER D 42 -4.94 -17.50 -22.26
C SER D 42 -6.01 -18.52 -22.67
N ASN D 43 -6.90 -18.11 -23.56
CA ASN D 43 -7.83 -19.03 -24.24
C ASN D 43 -7.23 -19.63 -25.51
N ASP D 44 -6.28 -18.93 -26.13
CA ASP D 44 -5.67 -19.33 -27.41
C ASP D 44 -4.40 -20.18 -27.17
N ARG D 45 -4.03 -20.98 -28.16
CA ARG D 45 -2.84 -21.86 -28.07
C ARG D 45 -1.54 -21.10 -28.38
N TYR D 46 -0.64 -21.04 -27.40
CA TYR D 46 0.71 -20.49 -27.56
C TYR D 46 1.71 -21.54 -27.08
N PRO D 47 2.96 -21.50 -27.59
CA PRO D 47 3.93 -22.61 -27.33
C PRO D 47 4.21 -22.91 -25.86
N ASN D 48 4.57 -21.88 -25.09
CA ASN D 48 4.63 -21.98 -23.63
C ASN D 48 3.43 -21.23 -23.10
N CYS D 49 2.43 -21.96 -22.62
CA CYS D 49 1.25 -21.33 -22.04
C CYS D 49 0.37 -22.29 -21.25
N LEU D 50 -0.62 -21.71 -20.57
CA LEU D 50 -1.69 -22.45 -19.91
C LEU D 50 -2.98 -22.06 -20.59
N GLN D 51 -3.60 -23.01 -21.29
CA GLN D 51 -4.84 -22.73 -22.03
C GLN D 51 -6.07 -23.10 -21.21
N ILE D 52 -6.87 -22.08 -20.89
CA ILE D 52 -8.12 -22.23 -20.15
C ILE D 52 -9.25 -22.24 -21.17
N THR D 53 -10.25 -23.09 -20.92
CA THR D 53 -11.27 -23.38 -21.92
C THR D 53 -12.51 -24.03 -21.32
N LEU D 54 -13.64 -23.84 -21.99
CA LEU D 54 -14.91 -24.47 -21.60
C LEU D 54 -14.92 -25.97 -21.91
N GLN D 55 -14.44 -26.34 -23.09
CA GLN D 55 -14.40 -27.73 -23.57
C GLN D 55 -13.11 -28.43 -23.14
N GLN D 56 -12.92 -29.67 -23.58
CA GLN D 56 -11.64 -30.40 -23.49
C GLN D 56 -10.79 -30.13 -24.75
N VAL D 57 -9.48 -30.26 -24.64
CA VAL D 57 -8.56 -30.02 -25.78
C VAL D 57 -7.66 -31.23 -26.06
N CYS D 58 -6.96 -31.72 -25.04
CA CYS D 58 -6.19 -32.97 -25.11
C CYS D 58 -6.71 -33.96 -24.08
N GLU D 59 -6.17 -35.17 -24.11
CA GLU D 59 -6.43 -36.15 -23.06
C GLU D 59 -5.70 -35.74 -21.77
N LEU D 60 -4.51 -35.13 -21.93
CA LEU D 60 -3.76 -34.58 -20.79
C LEU D 60 -4.36 -33.31 -20.17
N SER D 61 -5.41 -32.75 -20.77
CA SER D 61 -6.18 -31.66 -20.15
C SER D 61 -6.77 -32.10 -18.81
N LYS D 62 -6.84 -31.15 -17.89
CA LYS D 62 -7.28 -31.40 -16.53
C LYS D 62 -8.59 -30.65 -16.26
N PRO D 63 -9.70 -31.39 -16.02
CA PRO D 63 -10.94 -30.72 -15.60
C PRO D 63 -10.86 -30.28 -14.13
N CYS D 64 -11.37 -29.08 -13.84
CA CYS D 64 -11.35 -28.48 -12.49
C CYS D 64 -12.77 -28.08 -12.07
N SER D 65 -13.29 -28.72 -11.02
CA SER D 65 -14.55 -28.32 -10.39
C SER D 65 -14.17 -27.25 -9.39
N ALA D 66 -14.02 -26.03 -9.87
CA ALA D 66 -13.40 -24.93 -9.14
C ALA D 66 -14.20 -23.65 -9.29
N GLY D 67 -13.86 -22.65 -8.48
CA GLY D 67 -14.35 -21.29 -8.69
C GLY D 67 -13.81 -20.78 -10.00
N TYR D 68 -14.58 -19.92 -10.67
CA TYR D 68 -14.21 -19.40 -11.98
C TYR D 68 -14.70 -17.97 -12.15
N MET D 69 -14.29 -17.33 -13.25
CA MET D 69 -14.80 -16.02 -13.62
C MET D 69 -14.96 -15.88 -15.13
N VAL D 70 -16.10 -15.35 -15.55
CA VAL D 70 -16.37 -15.04 -16.95
C VAL D 70 -16.15 -13.55 -17.11
N GLY D 71 -15.04 -13.18 -17.77
CA GLY D 71 -14.63 -11.80 -17.88
C GLY D 71 -14.24 -11.24 -16.53
N GLN D 72 -15.04 -10.29 -16.04
CA GLN D 72 -14.71 -9.56 -14.81
C GLN D 72 -15.32 -10.21 -13.58
N SER D 73 -16.56 -10.66 -13.68
CA SER D 73 -17.30 -11.17 -12.51
C SER D 73 -16.89 -12.60 -12.16
N VAL D 74 -16.72 -12.84 -10.86
CA VAL D 74 -16.44 -14.18 -10.33
C VAL D 74 -17.73 -14.92 -10.01
N PHE D 75 -17.66 -16.25 -10.12
CA PHE D 75 -18.78 -17.12 -9.81
C PHE D 75 -18.30 -18.30 -8.98
N VAL D 76 -19.19 -18.76 -8.10
CA VAL D 76 -18.89 -19.87 -7.20
C VAL D 76 -18.97 -21.17 -8.02
N GLN D 77 -18.31 -22.23 -7.54
CA GLN D 77 -18.39 -23.54 -8.20
C GLN D 77 -19.73 -24.23 -7.91
N THR D 78 -20.29 -24.88 -8.94
CA THR D 78 -21.33 -25.90 -8.74
C THR D 78 -20.56 -27.20 -8.52
N PRO D 79 -20.68 -27.83 -7.34
CA PRO D 79 -19.66 -28.79 -6.87
C PRO D 79 -19.30 -29.97 -7.78
N GLY D 80 -20.29 -30.75 -8.20
CA GLY D 80 -20.04 -31.92 -9.03
C GLY D 80 -19.54 -31.61 -10.44
N VAL D 81 -19.92 -30.45 -10.97
CA VAL D 81 -19.69 -30.07 -12.37
C VAL D 81 -18.30 -29.44 -12.60
N THR D 82 -17.70 -29.77 -13.74
CA THR D 82 -16.43 -29.17 -14.16
C THR D 82 -16.65 -27.71 -14.57
N SER D 83 -15.82 -26.82 -14.05
CA SER D 83 -15.87 -25.39 -14.40
C SER D 83 -14.99 -25.06 -15.60
N TYR D 84 -13.82 -25.70 -15.71
CA TYR D 84 -12.92 -25.49 -16.85
C TYR D 84 -11.89 -26.62 -16.99
N TRP D 85 -11.40 -26.78 -18.21
CA TRP D 85 -10.25 -27.63 -18.49
C TRP D 85 -9.02 -26.75 -18.63
N LEU D 86 -7.91 -27.18 -18.01
CA LEU D 86 -6.62 -26.53 -18.17
C LEU D 86 -5.73 -27.40 -19.05
N THR D 87 -4.89 -26.77 -19.86
CA THR D 87 -3.98 -27.46 -20.78
C THR D 87 -2.59 -26.79 -20.83
N GLU D 88 -1.64 -27.33 -20.07
CA GLU D 88 -0.29 -26.73 -19.98
C GLU D 88 0.56 -27.05 -21.21
N TRP D 89 0.63 -26.09 -22.14
CA TRP D 89 1.51 -26.19 -23.31
C TRP D 89 2.95 -25.86 -22.91
N VAL D 90 3.88 -26.75 -23.22
CA VAL D 90 5.32 -26.57 -22.94
C VAL D 90 6.13 -26.87 -24.20
N ASP D 91 6.75 -25.81 -24.77
CA ASP D 91 7.54 -25.89 -26.02
C ASP D 91 6.70 -26.36 -27.23
N GLY D 92 5.43 -25.97 -27.23
CA GLY D 92 4.50 -26.37 -28.29
C GLY D 92 4.05 -27.82 -28.21
N LYS D 93 4.06 -28.39 -27.00
CA LYS D 93 3.64 -29.77 -26.77
C LYS D 93 3.07 -29.91 -25.35
N ALA D 94 1.87 -30.48 -25.24
CA ALA D 94 1.13 -30.54 -23.97
C ALA D 94 1.84 -31.34 -22.88
N ARG D 95 1.65 -30.92 -21.63
CA ARG D 95 2.26 -31.55 -20.45
C ARG D 95 1.18 -31.89 -19.42
N ALA D 96 1.42 -32.91 -18.62
CA ALA D 96 0.51 -33.33 -17.56
C ALA D 96 0.56 -32.35 -16.38
N LEU D 97 -0.61 -31.95 -15.88
CA LEU D 97 -0.70 -31.12 -14.67
C LEU D 97 -0.71 -32.02 -13.44
N PRO D 98 -0.21 -31.51 -12.29
CA PRO D 98 -0.26 -32.31 -11.07
C PRO D 98 -1.68 -32.37 -10.50
N ASP D 99 -1.82 -33.10 -9.40
CA ASP D 99 -3.10 -33.21 -8.70
C ASP D 99 -3.23 -32.02 -7.73
N SER D 100 -4.45 -31.53 -7.54
CA SER D 100 -4.70 -30.33 -6.72
C SER D 100 -6.19 -30.16 -6.42
N LEU D 101 -6.49 -29.68 -5.20
CA LEU D 101 -7.83 -29.20 -4.87
C LEU D 101 -7.97 -27.75 -5.31
N PHE D 102 -9.20 -27.24 -5.30
CA PHE D 102 -9.52 -25.91 -5.83
C PHE D 102 -10.45 -25.08 -4.95
N SER D 103 -10.09 -23.81 -4.78
CA SER D 103 -10.92 -22.86 -4.07
C SER D 103 -12.18 -22.61 -4.88
N SER D 104 -13.30 -22.44 -4.18
CA SER D 104 -14.62 -22.38 -4.81
C SER D 104 -15.03 -21.03 -5.41
N GLY D 105 -14.24 -19.97 -5.18
CA GLY D 105 -14.64 -18.60 -5.55
C GLY D 105 -15.51 -17.89 -4.51
N ARG D 106 -15.68 -18.51 -3.34
CA ARG D 106 -16.48 -17.93 -2.26
C ARG D 106 -15.80 -16.74 -1.59
N PHE D 107 -14.47 -16.79 -1.47
CA PHE D 107 -13.69 -15.69 -0.91
C PHE D 107 -13.97 -14.39 -1.64
N GLU D 108 -13.84 -14.44 -2.96
CA GLU D 108 -13.95 -13.24 -3.81
C GLU D 108 -15.38 -12.73 -4.00
N THR D 109 -16.38 -13.56 -3.69
CA THR D 109 -17.77 -13.13 -3.67
C THR D 109 -18.23 -12.74 -2.26
N ASN D 110 -17.38 -12.95 -1.27
CA ASN D 110 -17.72 -12.75 0.16
C ASN D 110 -18.97 -13.51 0.61
N SER D 111 -19.19 -14.70 0.06
CA SER D 111 -20.32 -15.54 0.47
C SER D 111 -19.80 -16.57 1.46
N ARG D 112 -20.54 -16.75 2.56
CA ARG D 112 -20.18 -17.71 3.62
C ARG D 112 -21.16 -18.90 3.67
N ALA D 113 -21.86 -19.16 2.56
CA ALA D 113 -22.92 -20.15 2.54
C ALA D 113 -22.44 -21.45 1.89
N PHE D 114 -23.09 -22.55 2.23
CA PHE D 114 -22.72 -23.87 1.72
C PHE D 114 -23.11 -24.02 0.23
N LEU D 115 -22.33 -24.77 -0.53
CA LEU D 115 -22.63 -25.02 -1.95
C LEU D 115 -23.72 -26.07 -2.07
N ASP D 116 -23.53 -27.18 -1.36
CA ASP D 116 -24.41 -28.34 -1.38
C ASP D 116 -25.20 -28.51 -0.09
N GLU D 117 -26.23 -29.35 -0.18
CA GLU D 117 -26.82 -29.96 0.99
C GLU D 117 -25.78 -30.87 1.66
N ALA D 118 -25.12 -31.71 0.87
CA ALA D 118 -24.04 -32.60 1.34
C ALA D 118 -22.96 -31.91 2.20
N GLU D 119 -22.51 -30.73 1.76
CA GLU D 119 -21.51 -29.96 2.49
C GLU D 119 -22.05 -29.42 3.81
N GLU D 120 -23.33 -29.08 3.81
CA GLU D 120 -24.04 -28.69 5.03
C GLU D 120 -24.06 -29.85 6.01
N LYS D 121 -24.32 -31.07 5.50
CA LYS D 121 -24.27 -32.31 6.28
C LYS D 121 -22.85 -32.59 6.75
N PHE D 122 -21.89 -32.40 5.84
CA PHE D 122 -20.46 -32.55 6.13
C PHE D 122 -19.99 -31.61 7.26
N ALA D 123 -20.65 -30.46 7.42
CA ALA D 123 -20.35 -29.51 8.49
C ALA D 123 -20.74 -30.05 9.87
N ALA D 124 -22.01 -30.43 10.02
CA ALA D 124 -22.53 -30.95 11.30
C ALA D 124 -21.96 -32.33 11.67
N ALA D 125 -21.54 -33.09 10.66
CA ALA D 125 -20.81 -34.35 10.87
C ALA D 125 -19.44 -34.14 11.51
N HIS D 126 -18.75 -33.07 11.11
CA HIS D 126 -17.41 -32.73 11.61
C HIS D 126 -17.43 -31.30 12.20
N PRO D 127 -18.13 -31.12 13.33
CA PRO D 127 -18.43 -29.77 13.84
C PRO D 127 -17.21 -28.90 14.19
N HIS D 128 -16.25 -29.46 14.91
CA HIS D 128 -15.10 -28.69 15.42
C HIS D 128 -14.31 -28.02 14.29
N ALA D 129 -13.96 -28.82 13.29
CA ALA D 129 -13.18 -28.35 12.15
C ALA D 129 -13.94 -27.34 11.32
N CYS D 130 -15.20 -27.66 11.03
CA CYS D 130 -16.01 -26.91 10.06
C CYS D 130 -16.76 -25.72 10.69
N LEU D 131 -17.42 -25.94 11.82
CA LEU D 131 -18.20 -24.89 12.51
C LEU D 131 -17.43 -24.12 13.57
N GLY D 132 -16.31 -24.67 14.07
CA GLY D 132 -15.55 -24.03 15.13
C GLY D 132 -16.08 -24.40 16.49
N GLU D 133 -15.28 -24.10 17.52
CA GLU D 133 -15.59 -24.45 18.90
C GLU D 133 -14.68 -23.62 19.81
N ILE D 134 -15.20 -23.20 20.96
CA ILE D 134 -14.46 -22.36 21.93
C ILE D 134 -13.90 -23.22 23.07
N ASN D 135 -12.66 -22.96 23.49
CA ASN D 135 -12.02 -23.71 24.57
C ASN D 135 -11.10 -22.85 25.43
N LYS D 136 -11.69 -22.21 26.45
CA LYS D 136 -10.94 -21.51 27.51
C LYS D 136 -10.09 -20.33 26.99
N SER D 137 -10.77 -19.31 26.47
CA SER D 137 -10.15 -18.08 25.96
C SER D 137 -9.43 -18.23 24.59
N THR D 138 -9.58 -19.37 23.91
CA THR D 138 -9.03 -19.57 22.57
C THR D 138 -10.01 -20.34 21.69
N VAL D 139 -10.09 -19.96 20.43
CA VAL D 139 -10.96 -20.63 19.46
C VAL D 139 -10.31 -21.96 19.04
N GLY D 140 -11.16 -22.98 18.85
CA GLY D 140 -10.71 -24.35 18.73
C GLY D 140 -10.32 -24.75 17.33
N GLY D 141 -11.21 -24.51 16.37
CA GLY D 141 -11.05 -25.01 15.01
C GLY D 141 -11.18 -23.95 13.94
N SER D 142 -12.35 -23.91 13.32
CA SER D 142 -12.68 -22.99 12.22
C SER D 142 -11.69 -23.09 11.06
N ALA D 143 -11.89 -24.11 10.23
CA ALA D 143 -11.01 -24.37 9.09
C ALA D 143 -11.57 -23.82 7.77
N PHE D 144 -12.83 -23.38 7.78
CA PHE D 144 -13.54 -23.05 6.55
C PHE D 144 -14.18 -21.68 6.56
N ILE D 145 -14.47 -21.16 5.37
CA ILE D 145 -15.12 -19.85 5.19
C ILE D 145 -16.53 -19.76 5.78
N PHE D 146 -17.24 -20.89 5.86
CA PHE D 146 -18.57 -20.93 6.52
C PHE D 146 -18.49 -21.01 8.05
N SER D 147 -17.30 -21.11 8.60
CA SER D 147 -17.14 -21.20 10.05
C SER D 147 -17.44 -19.88 10.75
N GLN D 148 -17.90 -19.98 11.98
CA GLN D 148 -18.17 -18.82 12.84
C GLN D 148 -16.88 -18.39 13.53
N TYR D 149 -16.94 -17.25 14.23
CA TYR D 149 -15.79 -16.60 14.89
C TYR D 149 -14.78 -15.98 13.91
N LEU D 150 -15.12 -15.88 12.62
CA LEU D 150 -14.23 -15.30 11.62
C LEU D 150 -14.54 -13.82 11.47
N PRO D 151 -13.60 -13.05 10.91
CA PRO D 151 -13.81 -11.62 10.72
C PRO D 151 -14.65 -11.33 9.48
N PRO D 152 -15.09 -10.07 9.31
CA PRO D 152 -15.87 -9.67 8.13
C PRO D 152 -15.20 -9.86 6.76
N LEU D 153 -13.87 -9.78 6.70
CA LEU D 153 -13.15 -9.79 5.40
C LEU D 153 -11.89 -10.66 5.38
N LEU D 154 -11.71 -11.36 4.26
CA LEU D 154 -10.71 -12.43 4.11
C LEU D 154 -10.02 -12.40 2.72
N PRO D 155 -8.72 -12.73 2.64
CA PRO D 155 -7.99 -12.68 1.37
C PRO D 155 -8.26 -13.86 0.40
N ALA D 156 -7.39 -14.88 0.32
CA ALA D 156 -7.48 -15.92 -0.73
C ALA D 156 -6.49 -17.13 -0.57
N ASP D 157 -6.98 -18.35 -0.81
CA ASP D 157 -6.18 -19.61 -0.95
C ASP D 157 -5.36 -20.07 0.25
N ALA D 158 -5.92 -20.97 1.06
CA ALA D 158 -5.35 -21.32 2.38
C ALA D 158 -4.99 -20.06 3.18
N VAL D 159 -5.99 -19.19 3.37
CA VAL D 159 -5.82 -17.87 3.98
C VAL D 159 -5.56 -17.93 5.48
N ALA D 160 -4.33 -17.60 5.89
CA ALA D 160 -3.99 -17.44 7.31
C ALA D 160 -4.63 -16.13 7.74
N LEU D 161 -5.89 -16.23 8.11
CA LEU D 161 -6.66 -15.08 8.53
C LEU D 161 -6.32 -14.85 9.98
N VAL D 162 -5.18 -14.21 10.18
CA VAL D 162 -4.61 -13.99 11.50
C VAL D 162 -5.62 -13.25 12.35
N GLY D 163 -6.51 -14.02 12.99
CA GLY D 163 -7.58 -13.49 13.82
C GLY D 163 -8.87 -14.28 13.70
N ALA D 164 -9.25 -14.93 14.79
CA ALA D 164 -10.58 -15.50 14.96
C ALA D 164 -11.06 -15.13 16.36
N SER D 165 -12.19 -14.43 16.48
CA SER D 165 -12.65 -13.87 17.75
C SER D 165 -14.04 -14.34 18.12
N LEU D 166 -14.25 -14.58 19.43
CA LEU D 166 -15.58 -14.55 20.03
C LEU D 166 -15.52 -13.42 21.04
N ALA D 167 -16.16 -12.31 20.68
CA ALA D 167 -15.94 -11.02 21.33
C ALA D 167 -16.04 -11.10 22.85
N GLY D 168 -15.06 -10.48 23.52
CA GLY D 168 -14.95 -10.48 24.98
C GLY D 168 -14.91 -11.84 25.65
N LYS D 169 -14.44 -12.86 24.93
CA LYS D 169 -14.44 -14.23 25.44
C LYS D 169 -13.18 -15.01 25.02
N ALA D 170 -13.01 -15.27 23.72
CA ALA D 170 -11.90 -16.09 23.23
C ALA D 170 -11.34 -15.57 21.91
N ALA D 171 -10.08 -15.90 21.64
CA ALA D 171 -9.39 -15.45 20.42
C ALA D 171 -8.15 -16.29 20.05
N LYS D 172 -7.99 -16.62 18.77
CA LYS D 172 -6.76 -17.22 18.23
C LYS D 172 -6.15 -16.30 17.16
N ALA D 173 -4.86 -16.01 17.32
CA ALA D 173 -4.17 -15.00 16.51
C ALA D 173 -3.86 -15.41 15.09
N ALA D 174 -3.86 -16.70 14.78
CA ALA D 174 -3.28 -17.23 13.55
C ALA D 174 -4.13 -18.34 12.94
N CYS D 175 -5.44 -18.11 12.87
CA CYS D 175 -6.37 -19.11 12.36
C CYS D 175 -6.29 -19.22 10.85
N SER D 176 -6.22 -20.45 10.34
CA SER D 176 -6.09 -20.71 8.91
C SER D 176 -7.36 -21.33 8.33
N VAL D 177 -7.93 -20.67 7.31
CA VAL D 177 -9.19 -21.08 6.68
C VAL D 177 -9.10 -21.18 5.17
N VAL D 178 -10.11 -21.79 4.57
CA VAL D 178 -10.16 -21.97 3.12
C VAL D 178 -11.58 -22.23 2.63
N ASP D 179 -11.85 -21.83 1.39
CA ASP D 179 -13.18 -21.92 0.78
C ASP D 179 -13.29 -23.04 -0.26
N VAL D 180 -12.65 -24.18 -0.01
CA VAL D 180 -12.77 -25.32 -0.94
C VAL D 180 -13.98 -26.15 -0.51
N TYR D 181 -14.61 -26.82 -1.47
CA TYR D 181 -15.72 -27.75 -1.23
C TYR D 181 -15.33 -28.79 -0.18
N ALA D 182 -15.84 -28.62 1.04
CA ALA D 182 -15.38 -29.37 2.21
C ALA D 182 -15.36 -30.89 2.07
N PRO D 183 -16.41 -31.49 1.44
CA PRO D 183 -16.40 -32.94 1.23
C PRO D 183 -15.33 -33.49 0.28
N SER D 184 -14.58 -32.61 -0.40
CA SER D 184 -13.36 -33.00 -1.12
C SER D 184 -12.28 -33.55 -0.19
N PHE D 185 -12.36 -33.21 1.10
CA PHE D 185 -11.43 -33.72 2.11
C PHE D 185 -11.74 -35.11 2.67
N GLU D 186 -12.90 -35.69 2.36
CA GLU D 186 -13.27 -37.02 2.87
C GLU D 186 -12.20 -38.10 2.61
N PRO D 187 -11.60 -38.15 1.39
CA PRO D 187 -10.58 -39.17 1.13
C PRO D 187 -9.36 -39.13 2.06
N TYR D 188 -9.04 -37.97 2.62
CA TYR D 188 -7.91 -37.83 3.54
C TYR D 188 -8.27 -38.04 5.03
N LEU D 189 -9.54 -38.33 5.32
CA LEU D 189 -10.04 -38.42 6.70
C LEU D 189 -10.19 -39.87 7.23
N HIS D 190 -9.48 -40.82 6.62
CA HIS D 190 -9.44 -42.21 7.07
C HIS D 190 -7.99 -42.70 7.27
N PRO D 191 -7.14 -41.91 7.94
CA PRO D 191 -5.74 -42.37 8.08
C PRO D 191 -5.63 -43.60 8.98
N GLU D 192 -4.78 -44.54 8.60
CA GLU D 192 -4.55 -45.76 9.40
C GLU D 192 -3.92 -45.45 10.76
N THR D 193 -3.14 -44.37 10.81
CA THR D 193 -2.69 -43.77 12.08
C THR D 193 -3.73 -42.78 12.61
N LEU D 194 -3.56 -42.36 13.86
CA LEU D 194 -4.46 -41.40 14.49
C LEU D 194 -4.24 -40.02 13.86
N SER D 195 -3.00 -39.54 13.91
CA SER D 195 -2.62 -38.32 13.21
C SER D 195 -1.99 -38.66 11.86
N ARG D 196 -2.07 -37.72 10.92
CA ARG D 196 -1.47 -37.87 9.60
C ARG D 196 -1.32 -36.51 8.94
N VAL D 197 -0.22 -36.34 8.20
CA VAL D 197 0.06 -35.11 7.47
C VAL D 197 0.19 -35.45 6.00
N TYR D 198 -0.52 -34.71 5.15
CA TYR D 198 -0.51 -34.91 3.71
C TYR D 198 0.03 -33.67 3.05
N LYS D 199 0.91 -33.84 2.06
CA LYS D 199 1.29 -32.76 1.16
C LYS D 199 0.21 -32.69 0.07
N ILE D 200 -0.45 -31.55 -0.05
CA ILE D 200 -1.50 -31.35 -1.04
C ILE D 200 -1.30 -30.03 -1.79
N MET D 201 -2.16 -29.80 -2.77
CA MET D 201 -2.23 -28.52 -3.47
C MET D 201 -3.65 -28.00 -3.43
N ILE D 202 -3.80 -26.74 -3.01
CA ILE D 202 -5.00 -25.98 -3.28
C ILE D 202 -4.57 -24.99 -4.33
N ASP D 203 -5.34 -24.84 -5.41
CA ASP D 203 -5.01 -23.90 -6.50
C ASP D 203 -3.54 -23.98 -6.94
N PHE D 204 -2.99 -25.19 -6.90
CA PHE D 204 -1.57 -25.49 -7.19
C PHE D 204 -0.53 -24.87 -6.26
N LYS D 205 -0.93 -24.25 -5.15
CA LYS D 205 0.00 -23.86 -4.11
C LYS D 205 0.25 -25.09 -3.23
N PRO D 206 1.52 -25.45 -3.00
CA PRO D 206 1.81 -26.53 -2.05
C PRO D 206 1.44 -26.14 -0.62
N CYS D 207 0.78 -27.05 0.09
CA CYS D 207 0.42 -26.83 1.50
C CYS D 207 0.09 -28.15 2.20
N ARG D 208 0.23 -28.15 3.52
CA ARG D 208 0.01 -29.37 4.29
C ARG D 208 -1.41 -29.43 4.84
N LEU D 209 -1.90 -30.66 5.02
CA LEU D 209 -3.17 -30.93 5.66
C LEU D 209 -2.98 -31.77 6.91
N MET D 210 -3.12 -31.13 8.08
CA MET D 210 -3.16 -31.85 9.36
C MET D 210 -4.50 -32.55 9.48
N VAL D 211 -4.49 -33.80 9.94
CA VAL D 211 -5.72 -34.54 10.26
C VAL D 211 -5.55 -35.35 11.54
N TRP D 212 -6.55 -35.29 12.43
CA TRP D 212 -6.71 -36.23 13.52
C TRP D 212 -7.98 -37.01 13.24
N ARG D 213 -7.88 -38.33 13.17
CA ARG D 213 -8.98 -39.20 12.74
C ARG D 213 -10.19 -39.10 13.68
N ASN D 214 -11.33 -38.68 13.11
CA ASN D 214 -12.60 -38.55 13.84
C ASN D 214 -12.61 -37.46 14.92
N ALA D 215 -11.85 -36.38 14.70
CA ALA D 215 -11.72 -35.28 15.68
C ALA D 215 -11.66 -33.89 15.05
N THR D 216 -10.64 -33.63 14.22
CA THR D 216 -10.41 -32.31 13.61
C THR D 216 -9.51 -32.42 12.38
N PHE D 217 -9.56 -31.40 11.52
CA PHE D 217 -8.54 -31.18 10.50
C PHE D 217 -8.44 -29.71 10.07
N TYR D 218 -7.32 -29.33 9.47
CA TYR D 218 -7.18 -28.04 8.78
C TYR D 218 -6.06 -28.07 7.75
N VAL D 219 -6.30 -27.44 6.60
CA VAL D 219 -5.22 -27.15 5.67
C VAL D 219 -4.34 -26.08 6.32
N GLN D 220 -3.04 -26.16 6.06
CA GLN D 220 -2.07 -25.21 6.60
C GLN D 220 -0.96 -24.98 5.59
N GLU D 221 -0.65 -23.71 5.39
CA GLU D 221 0.40 -23.30 4.48
C GLU D 221 1.74 -23.59 5.11
#